data_1UTC
#
_entry.id   1UTC
#
_cell.length_a   61.301
_cell.length_b   61.301
_cell.length_c   420.520
_cell.angle_alpha   90.00
_cell.angle_beta   90.00
_cell.angle_gamma   90.00
#
_symmetry.space_group_name_H-M   'P 41 21 2'
#
loop_
_entity.id
_entity.type
_entity.pdbx_description
1 polymer 'CLATHRIN HEAVY CHAIN'
2 polymer AMPHIPHYSIN
3 water water
#
loop_
_entity_poly.entity_id
_entity_poly.type
_entity_poly.pdbx_seq_one_letter_code
_entity_poly.pdbx_strand_id
1 'polypeptide(L)'
;MAQILPIRFQEHLQLQNLGINPANIGFSTLTMESDKFICIREKVGEQAQVVIIDMNDPSNPIRRPISADSAIMNPASKVI
ALKAGKTLQIFNIEMKSKMKAHTMTDDVTFWKWISLNTVALVTDNAVYHWSMEGESQPVKMFDRHSSLAGCQIINYRTDA
KQKWLLLTGISAQQNRVVGAMQLYSVDRKVSQPIEGHAASFAQFKMEGNAEESTLFCFAVRGQAGGKLHIIEVGTPPTGN
QPFPKKAVDVFFPPEAQNDFPVAMQISEKHDVVFLITKYGYIHLYDLETGTCIYMNRISGETIFVTAPHEATAGIIGVNR
KGQVLSVCVEEENIIPYITNVLQNPDLALRMAVRNNLAGAEEL
;
A,B
2 'polypeptide(L)' TLPWDLWTT P,Q
#
# COMPACT_ATOMS: atom_id res chain seq x y z
N ILE A 4 33.43 -21.64 -15.91
CA ILE A 4 32.42 -21.34 -16.98
C ILE A 4 31.01 -21.63 -16.52
N LEU A 5 30.17 -20.59 -16.59
CA LEU A 5 28.78 -20.66 -16.18
C LEU A 5 27.94 -20.39 -17.40
N PRO A 6 26.70 -20.86 -17.43
CA PRO A 6 25.82 -20.61 -18.58
C PRO A 6 25.34 -19.14 -18.70
N ILE A 7 25.46 -18.38 -17.60
CA ILE A 7 24.95 -17.00 -17.51
C ILE A 7 25.99 -15.98 -17.05
N ARG A 8 25.71 -14.72 -17.37
CA ARG A 8 26.45 -13.59 -16.83
C ARG A 8 25.56 -12.65 -15.96
N PHE A 9 26.01 -12.41 -14.74
CA PHE A 9 25.34 -11.54 -13.78
C PHE A 9 26.05 -10.16 -13.72
N GLN A 10 25.33 -9.08 -13.47
CA GLN A 10 25.97 -7.76 -13.36
C GLN A 10 25.09 -6.71 -12.64
N GLU A 11 25.72 -5.95 -11.75
CA GLU A 11 25.11 -4.75 -11.16
C GLU A 11 25.38 -3.58 -12.08
N HIS A 12 24.32 -3.04 -12.68
CA HIS A 12 24.40 -1.88 -13.57
C HIS A 12 24.39 -0.53 -12.85
N LEU A 13 23.77 -0.48 -11.67
CA LEU A 13 23.46 0.77 -10.96
C LEU A 13 23.05 0.51 -9.52
N GLN A 14 23.31 1.51 -8.69
CA GLN A 14 22.71 1.61 -7.39
C GLN A 14 21.96 2.95 -7.37
N LEU A 15 20.64 2.88 -7.23
CA LEU A 15 19.80 4.07 -7.33
C LEU A 15 20.11 5.13 -6.26
N GLN A 16 20.58 4.70 -5.11
CA GLN A 16 20.95 5.64 -4.05
C GLN A 16 22.08 6.63 -4.45
N ASN A 17 23.01 6.13 -5.25
CA ASN A 17 24.06 6.93 -5.89
C ASN A 17 23.59 7.85 -7.00
N LEU A 18 22.35 7.67 -7.45
CA LEU A 18 21.70 8.65 -8.31
C LEU A 18 20.81 9.63 -7.52
N GLY A 19 20.85 9.57 -6.20
CA GLY A 19 20.19 10.57 -5.39
C GLY A 19 18.78 10.24 -4.91
N ILE A 20 18.44 8.97 -4.97
CA ILE A 20 17.08 8.52 -4.66
C ILE A 20 17.02 8.00 -3.21
N ASN A 21 16.04 8.47 -2.44
CA ASN A 21 15.84 8.00 -1.05
C ASN A 21 15.27 6.57 -1.01
N PRO A 22 15.79 5.73 -0.10
CA PRO A 22 15.30 4.35 0.03
C PRO A 22 13.81 4.22 0.30
N ALA A 23 13.18 5.19 0.96
CA ALA A 23 11.74 5.14 1.10
C ALA A 23 10.99 5.01 -0.23
N ASN A 24 11.58 5.47 -1.33
CA ASN A 24 10.87 5.54 -2.58
C ASN A 24 11.19 4.39 -3.53
N ILE A 25 12.08 3.48 -3.09
CA ILE A 25 12.47 2.31 -3.87
C ILE A 25 11.58 1.07 -3.53
N GLY A 26 10.43 0.99 -4.20
CA GLY A 26 9.47 -0.06 -3.95
C GLY A 26 8.43 -0.18 -5.05
N PHE A 27 7.68 -1.28 -5.00
CA PHE A 27 6.65 -1.57 -5.98
C PHE A 27 5.67 -0.44 -6.11
N SER A 28 5.30 0.24 -5.01
CA SER A 28 4.26 1.27 -5.09
C SER A 28 4.70 2.60 -5.65
N THR A 29 5.99 2.85 -5.74
CA THR A 29 6.49 4.15 -6.20
C THR A 29 7.49 4.10 -7.38
N LEU A 30 8.00 2.92 -7.77
CA LEU A 30 9.06 2.80 -8.79
C LEU A 30 8.58 1.80 -9.84
N THR A 31 8.62 2.22 -11.09
CA THR A 31 8.25 1.38 -12.25
C THR A 31 9.43 1.26 -13.28
N MET A 32 9.43 0.17 -14.02
CA MET A 32 10.37 -0.12 -15.10
C MET A 32 9.57 -0.92 -16.13
N GLU A 33 8.88 -0.21 -16.99
CA GLU A 33 8.05 -0.77 -18.03
C GLU A 33 8.86 -1.33 -19.24
N SER A 34 10.14 -0.98 -19.35
CA SER A 34 11.05 -1.55 -20.34
C SER A 34 12.47 -1.39 -19.80
N ASP A 35 13.48 -1.89 -20.52
CA ASP A 35 14.87 -1.61 -20.13
C ASP A 35 15.40 -0.20 -20.53
N LYS A 36 14.57 0.66 -21.14
CA LYS A 36 14.96 2.05 -21.50
C LYS A 36 14.91 3.11 -20.36
N PHE A 37 13.93 2.96 -19.46
CA PHE A 37 13.66 3.91 -18.38
C PHE A 37 13.29 3.29 -16.97
N ILE A 38 13.72 3.97 -15.92
CA ILE A 38 13.16 3.78 -14.59
C ILE A 38 12.52 5.09 -14.13
N CYS A 39 11.33 4.98 -13.53
CA CYS A 39 10.55 6.12 -13.04
C CYS A 39 10.24 5.99 -11.53
N ILE A 40 10.65 7.00 -10.76
CA ILE A 40 10.46 7.02 -9.32
C ILE A 40 9.58 8.19 -8.97
N ARG A 41 8.46 7.89 -8.30
CA ARG A 41 7.58 8.91 -7.75
C ARG A 41 8.01 9.21 -6.31
N GLU A 42 8.54 10.42 -6.08
CA GLU A 42 9.06 10.88 -4.78
C GLU A 42 8.16 11.99 -4.24
N LYS A 43 8.24 12.25 -2.94
CA LYS A 43 7.40 13.26 -2.27
C LYS A 43 8.30 14.04 -1.34
N VAL A 44 8.43 15.33 -1.61
CA VAL A 44 9.27 16.22 -0.77
C VAL A 44 8.35 17.28 -0.15
N GLY A 45 8.21 17.24 1.17
CA GLY A 45 7.18 18.02 1.85
C GLY A 45 5.86 17.58 1.27
N GLU A 46 5.12 18.54 0.73
CA GLU A 46 3.80 18.29 0.13
C GLU A 46 3.82 18.39 -1.40
N GLN A 47 5.02 18.48 -1.97
CA GLN A 47 5.20 18.38 -3.42
C GLN A 47 5.62 16.96 -3.90
N ALA A 48 4.81 16.41 -4.78
CA ALA A 48 5.13 15.19 -5.48
C ALA A 48 6.05 15.49 -6.67
N GLN A 49 6.97 14.55 -6.94
CA GLN A 49 7.90 14.56 -8.10
C GLN A 49 8.05 13.20 -8.83
N VAL A 50 8.27 13.24 -10.14
CA VAL A 50 8.81 12.07 -10.83
C VAL A 50 10.27 12.34 -11.22
N VAL A 51 11.11 11.35 -10.93
CA VAL A 51 12.45 11.27 -11.42
C VAL A 51 12.46 10.22 -12.55
N ILE A 52 12.85 10.65 -13.76
CA ILE A 52 13.05 9.77 -14.88
C ILE A 52 14.52 9.53 -15.14
N ILE A 53 14.92 8.25 -15.11
CA ILE A 53 16.28 7.81 -15.40
C ILE A 53 16.39 7.14 -16.77
N ASP A 54 16.97 7.86 -17.73
CA ASP A 54 17.28 7.27 -19.05
C ASP A 54 18.40 6.29 -18.87
N MET A 55 18.15 5.01 -19.17
CA MET A 55 19.20 3.99 -18.92
C MET A 55 20.44 4.14 -19.83
N ASN A 56 20.31 4.97 -20.88
CA ASN A 56 21.47 5.32 -21.70
C ASN A 56 22.34 6.40 -21.08
N ASP A 57 21.73 7.26 -20.28
CA ASP A 57 22.41 8.39 -19.65
C ASP A 57 21.99 8.45 -18.17
N PRO A 58 22.31 7.39 -17.44
CA PRO A 58 21.93 7.23 -16.03
C PRO A 58 22.32 8.36 -15.11
N SER A 59 23.48 8.97 -15.36
CA SER A 59 24.06 10.00 -14.47
C SER A 59 23.35 11.35 -14.55
N ASN A 60 22.43 11.50 -15.50
CA ASN A 60 21.68 12.72 -15.73
C ASN A 60 20.13 12.61 -15.60
N PRO A 61 19.63 12.28 -14.41
CA PRO A 61 18.19 12.25 -14.10
C PRO A 61 17.33 13.48 -14.43
N ILE A 62 16.12 13.24 -14.87
CA ILE A 62 15.13 14.25 -15.19
C ILE A 62 14.15 14.27 -14.00
N ARG A 63 14.42 15.14 -13.03
CA ARG A 63 13.67 15.23 -11.78
C ARG A 63 12.70 16.39 -11.81
N ARG A 64 11.39 16.13 -11.87
CA ARG A 64 10.38 17.19 -12.04
C ARG A 64 9.10 17.12 -11.17
N PRO A 65 8.63 18.26 -10.65
CA PRO A 65 7.45 18.26 -9.78
C PRO A 65 6.15 18.05 -10.57
N ILE A 66 5.26 17.21 -10.04
CA ILE A 66 4.12 16.68 -10.76
C ILE A 66 3.06 16.35 -9.74
N SER A 67 1.80 16.29 -10.16
CA SER A 67 0.73 15.96 -9.24
C SER A 67 0.09 14.68 -9.73
N ALA A 68 0.55 13.55 -9.20
CA ALA A 68 0.00 12.26 -9.56
C ALA A 68 0.41 11.23 -8.54
N ASP A 69 -0.45 10.23 -8.31
CA ASP A 69 -0.11 9.09 -7.44
C ASP A 69 0.67 7.93 -8.11
N SER A 70 0.77 7.96 -9.45
CA SER A 70 1.31 6.84 -10.24
C SER A 70 1.78 7.32 -11.65
N ALA A 71 2.96 6.84 -12.04
CA ALA A 71 3.60 7.16 -13.29
C ALA A 71 4.32 5.97 -13.94
N ILE A 72 4.04 5.75 -15.22
CA ILE A 72 4.64 4.70 -16.03
C ILE A 72 5.09 5.23 -17.39
N MET A 73 6.39 5.12 -17.66
CA MET A 73 6.97 5.50 -18.94
C MET A 73 6.64 4.55 -20.09
N ASN A 74 6.33 5.11 -21.25
CA ASN A 74 6.20 4.34 -22.49
C ASN A 74 7.44 3.43 -22.63
N PRO A 75 7.31 2.22 -23.22
CA PRO A 75 8.47 1.36 -23.42
C PRO A 75 9.59 1.97 -24.30
N ALA A 76 9.25 2.92 -25.19
CA ALA A 76 10.27 3.53 -26.06
C ALA A 76 10.25 5.05 -26.10
N SER A 77 9.08 5.61 -26.28
CA SER A 77 8.99 7.03 -26.47
C SER A 77 9.14 7.85 -25.17
N LYS A 78 9.46 9.13 -25.31
CA LYS A 78 9.45 10.02 -24.14
C LYS A 78 8.02 10.49 -23.87
N VAL A 79 7.20 9.52 -23.50
CA VAL A 79 5.78 9.68 -23.31
C VAL A 79 5.57 9.01 -21.99
N ILE A 80 4.71 9.62 -21.14
CA ILE A 80 4.46 9.14 -19.78
C ILE A 80 2.97 9.17 -19.52
N ALA A 81 2.44 8.14 -18.86
CA ALA A 81 1.05 8.15 -18.35
C ALA A 81 1.02 8.43 -16.85
N LEU A 82 0.10 9.30 -16.44
CA LEU A 82 -0.03 9.75 -15.06
C LEU A 82 -1.47 9.56 -14.58
N LYS A 83 -1.58 9.00 -13.40
CA LYS A 83 -2.82 8.76 -12.72
C LYS A 83 -2.87 9.68 -11.49
N ALA A 84 -3.95 10.44 -11.39
CA ALA A 84 -4.11 11.46 -10.36
C ALA A 84 -5.54 11.33 -9.95
N GLY A 85 -5.77 10.48 -8.96
CA GLY A 85 -7.13 10.13 -8.62
C GLY A 85 -7.62 9.16 -9.65
N LYS A 86 -8.85 9.40 -10.13
CA LYS A 86 -9.53 8.53 -11.14
C LYS A 86 -9.32 9.06 -12.54
N THR A 87 -8.58 10.15 -12.62
CA THR A 87 -8.26 10.81 -13.85
C THR A 87 -6.90 10.33 -14.36
N LEU A 88 -6.88 9.82 -15.59
CA LEU A 88 -5.67 9.33 -16.28
C LEU A 88 -5.33 10.32 -17.39
N GLN A 89 -4.04 10.56 -17.62
CA GLN A 89 -3.56 11.43 -18.68
C GLN A 89 -2.36 10.79 -19.36
N ILE A 90 -2.28 10.94 -20.68
CA ILE A 90 -1.06 10.61 -21.43
C ILE A 90 -0.36 11.90 -21.88
N PHE A 91 0.91 12.03 -21.49
CA PHE A 91 1.66 13.28 -21.63
C PHE A 91 2.93 13.07 -22.47
N ASN A 92 3.12 13.92 -23.48
CA ASN A 92 4.41 14.01 -24.20
C ASN A 92 5.33 14.92 -23.38
N ILE A 93 6.48 14.38 -22.95
CA ILE A 93 7.44 15.07 -22.08
C ILE A 93 8.21 16.16 -22.83
N GLU A 94 8.68 15.82 -24.02
CA GLU A 94 9.51 16.76 -24.78
C GLU A 94 8.68 17.93 -25.35
N MET A 95 7.45 17.69 -25.76
CA MET A 95 6.51 18.78 -26.11
C MET A 95 5.91 19.52 -24.92
N LYS A 96 6.08 18.98 -23.72
CA LYS A 96 5.32 19.42 -22.54
C LYS A 96 3.82 19.57 -22.84
N SER A 97 3.23 18.62 -23.57
CA SER A 97 1.79 18.67 -23.83
C SER A 97 0.96 17.39 -23.56
N LYS A 98 -0.29 17.61 -23.17
CA LYS A 98 -1.28 16.57 -22.98
C LYS A 98 -1.75 15.98 -24.31
N MET A 99 -1.53 14.68 -24.52
CA MET A 99 -2.07 13.99 -25.69
C MET A 99 -3.54 13.57 -25.54
N LYS A 100 -3.91 13.09 -24.36
CA LYS A 100 -5.13 12.30 -24.14
C LYS A 100 -5.41 12.22 -22.62
N ALA A 101 -6.69 12.29 -22.24
CA ALA A 101 -7.12 12.20 -20.87
C ALA A 101 -8.39 11.35 -20.81
N HIS A 102 -8.61 10.68 -19.68
CA HIS A 102 -9.83 9.93 -19.45
C HIS A 102 -10.10 9.88 -17.94
N THR A 103 -11.37 9.93 -17.57
CA THR A 103 -11.79 9.81 -16.17
C THR A 103 -12.60 8.55 -15.98
N MET A 104 -12.11 7.62 -15.16
CA MET A 104 -12.78 6.33 -14.95
C MET A 104 -13.86 6.46 -13.85
N THR A 105 -14.83 5.56 -13.93
CA THR A 105 -15.87 5.32 -12.93
C THR A 105 -15.29 4.65 -11.67
N ASP A 106 -14.55 3.56 -11.87
CA ASP A 106 -13.86 2.82 -10.80
C ASP A 106 -12.38 3.16 -10.74
N ASP A 107 -11.81 3.06 -9.54
CA ASP A 107 -10.38 3.20 -9.38
C ASP A 107 -9.59 2.15 -10.18
N VAL A 108 -8.47 2.60 -10.71
CA VAL A 108 -7.52 1.73 -11.36
C VAL A 108 -6.48 1.31 -10.31
N THR A 109 -6.47 0.04 -9.93
CA THR A 109 -5.58 -0.47 -8.90
C THR A 109 -4.23 -0.94 -9.47
N PHE A 110 -4.20 -1.27 -10.76
CA PHE A 110 -2.98 -1.67 -11.44
C PHE A 110 -3.05 -1.25 -12.91
N TRP A 111 -1.92 -0.84 -13.46
CA TRP A 111 -1.78 -0.56 -14.89
C TRP A 111 -0.32 -0.74 -15.39
N LYS A 112 -0.19 -0.91 -16.70
CA LYS A 112 1.04 -1.34 -17.34
C LYS A 112 0.95 -1.06 -18.84
N TRP A 113 2.04 -0.64 -19.46
CA TRP A 113 2.13 -0.67 -20.92
C TRP A 113 2.35 -2.12 -21.36
N ILE A 114 1.48 -2.63 -22.25
CA ILE A 114 1.66 -3.96 -22.89
C ILE A 114 2.26 -3.88 -24.36
N SER A 115 2.33 -2.67 -24.87
CA SER A 115 2.92 -2.37 -26.16
C SER A 115 3.32 -0.88 -26.20
N LEU A 116 3.89 -0.45 -27.33
CA LEU A 116 4.13 0.99 -27.57
C LEU A 116 2.88 1.80 -27.63
N ASN A 117 1.75 1.17 -27.96
CA ASN A 117 0.51 1.98 -28.12
C ASN A 117 -0.51 1.83 -27.00
N THR A 118 -0.49 0.71 -26.30
CA THR A 118 -1.61 0.35 -25.40
C THR A 118 -1.26 0.26 -23.89
N VAL A 119 -2.10 0.90 -23.09
CA VAL A 119 -2.03 0.81 -21.61
C VAL A 119 -3.16 -0.11 -21.14
N ALA A 120 -2.80 -1.13 -20.38
CA ALA A 120 -3.79 -1.99 -19.74
C ALA A 120 -4.20 -1.39 -18.39
N LEU A 121 -5.49 -1.35 -18.12
CA LEU A 121 -6.07 -0.75 -16.92
C LEU A 121 -6.82 -1.81 -16.11
N VAL A 122 -6.42 -2.03 -14.85
CA VAL A 122 -7.08 -3.07 -14.04
C VAL A 122 -7.89 -2.41 -12.94
N THR A 123 -9.21 -2.64 -12.94
CA THR A 123 -10.03 -2.23 -11.80
C THR A 123 -10.30 -3.43 -10.93
N ASP A 124 -11.15 -3.21 -9.94
CA ASP A 124 -11.67 -4.26 -9.08
C ASP A 124 -12.52 -5.30 -9.81
N ASN A 125 -13.26 -4.86 -10.80
CA ASN A 125 -14.21 -5.69 -11.53
C ASN A 125 -13.73 -6.19 -12.90
N ALA A 126 -12.82 -5.47 -13.57
CA ALA A 126 -12.53 -5.72 -14.98
C ALA A 126 -11.09 -5.32 -15.44
N VAL A 127 -10.75 -5.75 -16.65
CA VAL A 127 -9.53 -5.35 -17.35
C VAL A 127 -9.93 -4.62 -18.63
N TYR A 128 -9.30 -3.48 -18.88
CA TYR A 128 -9.47 -2.69 -20.10
C TYR A 128 -8.09 -2.41 -20.78
N HIS A 129 -8.15 -2.11 -22.08
CA HIS A 129 -7.00 -1.71 -22.90
C HIS A 129 -7.33 -0.35 -23.42
N TRP A 130 -6.41 0.58 -23.23
CA TRP A 130 -6.61 1.96 -23.64
C TRP A 130 -5.57 2.27 -24.74
N SER A 131 -6.02 2.51 -25.96
CA SER A 131 -5.10 2.91 -27.06
C SER A 131 -4.66 4.36 -27.00
N MET A 132 -3.35 4.57 -27.13
CA MET A 132 -2.78 5.91 -27.16
C MET A 132 -3.20 6.70 -28.42
N GLU A 133 -3.06 6.08 -29.59
CA GLU A 133 -3.46 6.74 -30.84
C GLU A 133 -4.97 6.90 -30.92
N GLY A 134 -5.40 7.97 -31.54
CA GLY A 134 -6.82 8.20 -31.76
C GLY A 134 -7.56 8.84 -30.59
N GLU A 135 -8.86 8.59 -30.60
CA GLU A 135 -9.81 9.26 -29.73
C GLU A 135 -10.47 8.26 -28.78
N SER A 136 -10.39 6.97 -29.10
CA SER A 136 -10.96 5.86 -28.28
C SER A 136 -10.80 5.99 -26.75
N GLN A 137 -11.86 5.61 -26.05
CA GLN A 137 -11.86 5.42 -24.60
C GLN A 137 -11.41 4.00 -24.30
N PRO A 138 -11.06 3.73 -23.04
CA PRO A 138 -10.69 2.37 -22.66
C PRO A 138 -11.75 1.36 -23.07
N VAL A 139 -11.33 0.21 -23.59
CA VAL A 139 -12.26 -0.85 -24.01
C VAL A 139 -12.18 -2.03 -23.01
N LYS A 140 -13.33 -2.47 -22.50
CA LYS A 140 -13.38 -3.63 -21.61
C LYS A 140 -13.12 -4.90 -22.40
N MET A 141 -12.20 -5.73 -21.90
CA MET A 141 -11.79 -6.98 -22.56
C MET A 141 -12.39 -8.20 -21.87
N PHE A 142 -12.41 -8.17 -20.52
CA PHE A 142 -13.05 -9.21 -19.71
C PHE A 142 -13.28 -8.77 -18.26
N ASP A 143 -14.27 -9.40 -17.63
CA ASP A 143 -14.60 -9.24 -16.23
C ASP A 143 -13.73 -10.13 -15.36
N ARG A 144 -13.31 -9.62 -14.23
CA ARG A 144 -12.52 -10.43 -13.33
C ARG A 144 -13.29 -11.60 -12.71
N HIS A 145 -12.55 -12.67 -12.48
CA HIS A 145 -13.03 -13.88 -11.87
C HIS A 145 -12.92 -13.82 -10.31
N SER A 146 -13.94 -14.41 -9.67
CA SER A 146 -14.05 -14.48 -8.21
C SER A 146 -12.79 -14.94 -7.54
N SER A 147 -12.05 -15.84 -8.16
CA SER A 147 -10.84 -16.38 -7.55
C SER A 147 -9.75 -15.33 -7.33
N LEU A 148 -9.83 -14.18 -8.00
CA LEU A 148 -8.86 -13.09 -7.73
C LEU A 148 -9.36 -12.04 -6.70
N ALA A 149 -10.58 -12.19 -6.17
CA ALA A 149 -11.15 -11.15 -5.32
C ALA A 149 -10.29 -10.98 -4.09
N GLY A 150 -10.02 -9.71 -3.75
CA GLY A 150 -9.13 -9.40 -2.61
C GLY A 150 -7.64 -9.60 -2.80
N CYS A 151 -7.21 -10.00 -4.01
CA CYS A 151 -5.80 -10.20 -4.28
C CYS A 151 -5.12 -8.86 -4.59
N GLN A 152 -3.87 -8.74 -4.19
CA GLN A 152 -3.00 -7.68 -4.73
C GLN A 152 -2.61 -8.07 -6.17
N ILE A 153 -2.90 -7.23 -7.16
CA ILE A 153 -2.50 -7.50 -8.54
C ILE A 153 -1.02 -7.16 -8.74
N ILE A 154 -0.24 -8.13 -9.20
CA ILE A 154 1.17 -7.90 -9.39
C ILE A 154 1.65 -7.85 -10.86
N ASN A 155 0.83 -8.33 -11.80
CA ASN A 155 1.23 -8.36 -13.24
C ASN A 155 0.06 -8.61 -14.16
N TYR A 156 0.24 -8.23 -15.43
CA TYR A 156 -0.71 -8.41 -16.50
C TYR A 156 0.18 -8.63 -17.74
N ARG A 157 -0.07 -9.70 -18.52
CA ARG A 157 0.76 -10.14 -19.65
C ARG A 157 -0.16 -10.51 -20.83
N THR A 158 0.42 -10.44 -22.03
CA THR A 158 -0.22 -10.72 -23.28
C THR A 158 0.76 -11.61 -24.11
N ASP A 159 0.25 -12.46 -25.00
CA ASP A 159 1.12 -13.06 -26.06
C ASP A 159 1.42 -12.05 -27.19
N ALA A 160 2.33 -12.41 -28.08
CA ALA A 160 2.70 -11.55 -29.21
C ALA A 160 1.54 -11.05 -30.11
N LYS A 161 0.45 -11.79 -30.22
CA LYS A 161 -0.65 -11.45 -31.10
C LYS A 161 -1.79 -10.74 -30.41
N GLN A 162 -1.71 -10.63 -29.08
CA GLN A 162 -2.77 -10.08 -28.25
C GLN A 162 -4.10 -10.87 -28.28
N LYS A 163 -3.97 -12.18 -28.43
CA LYS A 163 -5.11 -13.09 -28.44
C LYS A 163 -5.30 -13.84 -27.11
N TRP A 164 -4.25 -13.85 -26.27
CA TRP A 164 -4.22 -14.52 -24.97
C TRP A 164 -3.80 -13.52 -23.90
N LEU A 165 -4.66 -13.32 -22.89
CA LEU A 165 -4.44 -12.28 -21.87
C LEU A 165 -4.44 -12.89 -20.48
N LEU A 166 -3.48 -12.50 -19.66
CA LEU A 166 -3.24 -13.13 -18.36
C LEU A 166 -3.05 -12.10 -17.21
N LEU A 167 -3.94 -12.15 -16.20
CA LEU A 167 -3.88 -11.31 -14.99
C LEU A 167 -3.44 -12.11 -13.81
N THR A 168 -2.46 -11.63 -13.04
CA THR A 168 -1.95 -12.32 -11.83
C THR A 168 -2.12 -11.55 -10.53
N GLY A 169 -2.73 -12.24 -9.55
CA GLY A 169 -2.92 -11.69 -8.20
C GLY A 169 -2.33 -12.64 -7.15
N ILE A 170 -1.85 -12.07 -6.07
CA ILE A 170 -1.39 -12.87 -4.95
C ILE A 170 -2.03 -12.39 -3.62
N SER A 171 -2.08 -13.31 -2.64
CA SER A 171 -2.67 -13.10 -1.31
C SER A 171 -1.87 -13.80 -0.19
N ALA A 172 -1.38 -13.03 0.80
CA ALA A 172 -0.68 -13.60 1.97
C ALA A 172 -1.65 -14.16 3.00
N GLN A 173 -1.48 -15.44 3.31
CA GLN A 173 -2.27 -16.15 4.31
C GLN A 173 -1.29 -16.77 5.34
N GLN A 174 -1.82 -17.32 6.43
CA GLN A 174 -0.97 -17.64 7.58
C GLN A 174 0.22 -18.52 7.19
N ASN A 175 -0.04 -19.65 6.57
CA ASN A 175 1.06 -20.53 6.22
C ASN A 175 1.44 -20.52 4.71
N ARG A 176 1.03 -19.47 3.97
CA ARG A 176 1.29 -19.40 2.52
C ARG A 176 0.84 -18.15 1.73
N VAL A 177 1.53 -17.95 0.61
CA VAL A 177 1.10 -16.96 -0.36
C VAL A 177 0.33 -17.69 -1.46
N VAL A 178 -0.93 -17.34 -1.60
CA VAL A 178 -1.80 -17.90 -2.62
C VAL A 178 -1.52 -17.17 -3.95
N GLY A 179 -1.43 -17.93 -5.03
CA GLY A 179 -1.29 -17.36 -6.39
C GLY A 179 -2.51 -17.64 -7.23
N ALA A 180 -3.09 -16.61 -7.84
CA ALA A 180 -4.30 -16.81 -8.60
C ALA A 180 -4.24 -16.05 -9.92
N MET A 181 -4.39 -16.77 -11.02
CA MET A 181 -4.30 -16.23 -12.38
C MET A 181 -5.61 -16.41 -13.11
N GLN A 182 -5.89 -15.49 -14.03
CA GLN A 182 -6.99 -15.59 -14.95
C GLN A 182 -6.44 -15.46 -16.37
N LEU A 183 -6.56 -16.52 -17.15
CA LEU A 183 -6.12 -16.59 -18.56
C LEU A 183 -7.34 -16.47 -19.49
N TYR A 184 -7.44 -15.38 -20.25
CA TYR A 184 -8.57 -15.12 -21.17
C TYR A 184 -8.19 -15.29 -22.66
N SER A 185 -9.00 -16.07 -23.40
CA SER A 185 -8.86 -16.25 -24.86
C SER A 185 -9.72 -15.27 -25.60
N VAL A 186 -9.08 -14.36 -26.33
CA VAL A 186 -9.81 -13.34 -27.09
C VAL A 186 -10.65 -14.01 -28.19
N ASP A 187 -10.17 -15.09 -28.81
CA ASP A 187 -10.98 -15.79 -29.83
C ASP A 187 -12.13 -16.66 -29.29
N ARG A 188 -11.88 -17.52 -28.31
CA ARG A 188 -12.93 -18.35 -27.71
C ARG A 188 -13.87 -17.57 -26.80
N LYS A 189 -13.51 -16.33 -26.47
CA LYS A 189 -14.29 -15.49 -25.56
C LYS A 189 -14.59 -16.16 -24.18
N VAL A 190 -13.59 -16.80 -23.60
CA VAL A 190 -13.74 -17.53 -22.35
C VAL A 190 -12.46 -17.41 -21.49
N SER A 191 -12.63 -17.52 -20.16
CA SER A 191 -11.54 -17.44 -19.18
C SER A 191 -11.30 -18.77 -18.51
N GLN A 192 -10.11 -18.93 -17.96
CA GLN A 192 -9.76 -20.08 -17.18
C GLN A 192 -8.98 -19.66 -15.95
N PRO A 193 -9.52 -19.92 -14.76
CA PRO A 193 -8.79 -19.72 -13.50
C PRO A 193 -7.65 -20.72 -13.36
N ILE A 194 -6.51 -20.29 -12.83
CA ILE A 194 -5.32 -21.16 -12.70
C ILE A 194 -4.58 -20.74 -11.43
N GLU A 195 -3.96 -21.71 -10.77
CA GLU A 195 -3.17 -21.45 -9.60
C GLU A 195 -1.72 -21.30 -10.05
N GLY A 196 -1.18 -20.10 -9.87
CA GLY A 196 0.15 -19.78 -10.31
C GLY A 196 0.58 -18.43 -9.79
N HIS A 197 1.90 -18.25 -9.68
CA HIS A 197 2.51 -17.02 -9.12
C HIS A 197 3.24 -16.12 -10.15
N ALA A 198 3.81 -16.70 -11.21
CA ALA A 198 4.59 -15.93 -12.23
C ALA A 198 4.47 -16.62 -13.59
N ALA A 199 4.42 -15.85 -14.67
CA ALA A 199 4.12 -16.40 -15.99
C ALA A 199 4.61 -15.49 -17.12
N SER A 200 4.58 -16.09 -18.33
CA SER A 200 5.00 -15.44 -19.56
C SER A 200 4.57 -16.26 -20.78
N PHE A 201 4.43 -15.56 -21.91
CA PHE A 201 4.14 -16.20 -23.20
C PHE A 201 5.41 -16.25 -24.02
N ALA A 202 5.47 -17.12 -25.02
CA ALA A 202 6.59 -17.14 -25.95
C ALA A 202 6.17 -17.74 -27.29
N GLN A 203 6.83 -17.26 -28.36
CA GLN A 203 6.82 -17.89 -29.67
C GLN A 203 7.95 -18.92 -29.75
N PHE A 204 7.64 -20.14 -30.23
CA PHE A 204 8.60 -21.25 -30.30
C PHE A 204 8.40 -22.00 -31.59
N LYS A 205 9.49 -22.22 -32.31
CA LYS A 205 9.44 -22.96 -33.60
C LYS A 205 9.89 -24.42 -33.43
N MET A 206 8.94 -25.35 -33.52
CA MET A 206 9.30 -26.79 -33.52
C MET A 206 9.84 -27.16 -34.91
N GLU A 207 10.80 -28.09 -34.98
CA GLU A 207 11.35 -28.50 -36.31
C GLU A 207 10.32 -29.28 -37.09
N GLY A 208 10.17 -28.97 -38.36
CA GLY A 208 9.18 -29.62 -39.20
C GLY A 208 7.85 -28.91 -39.26
N ASN A 209 7.58 -28.00 -38.35
CA ASN A 209 6.32 -27.27 -38.36
C ASN A 209 6.26 -26.13 -39.39
N ALA A 210 5.05 -25.81 -39.84
CA ALA A 210 4.84 -24.78 -40.83
C ALA A 210 4.91 -23.38 -40.22
N GLU A 211 4.45 -23.25 -38.98
CA GLU A 211 4.45 -21.99 -38.22
C GLU A 211 5.04 -22.10 -36.79
N GLU A 212 5.31 -20.95 -36.21
CA GLU A 212 5.56 -20.87 -34.74
C GLU A 212 4.40 -21.42 -33.88
N SER A 213 4.73 -22.01 -32.75
CA SER A 213 3.70 -22.31 -31.72
C SER A 213 3.65 -21.21 -30.67
N THR A 214 2.46 -20.90 -30.15
CA THR A 214 2.33 -19.98 -29.02
C THR A 214 2.31 -20.72 -27.69
N LEU A 215 3.36 -20.53 -26.90
CA LEU A 215 3.53 -21.19 -25.62
C LEU A 215 3.13 -20.28 -24.43
N PHE A 216 2.52 -20.90 -23.41
CA PHE A 216 2.25 -20.32 -22.10
C PHE A 216 3.07 -21.04 -21.01
N CYS A 217 3.91 -20.30 -20.29
CA CYS A 217 4.73 -20.86 -19.23
C CYS A 217 4.36 -20.21 -17.87
N PHE A 218 4.14 -21.04 -16.84
CA PHE A 218 3.80 -20.51 -15.52
C PHE A 218 4.46 -21.32 -14.41
N ALA A 219 4.90 -20.62 -13.38
CA ALA A 219 5.45 -21.28 -12.20
C ALA A 219 4.57 -21.04 -10.97
N VAL A 220 4.57 -22.04 -10.09
CA VAL A 220 3.75 -22.04 -8.89
C VAL A 220 4.49 -22.80 -7.77
N ARG A 221 4.23 -22.37 -6.53
CA ARG A 221 4.60 -23.13 -5.36
C ARG A 221 3.29 -23.44 -4.69
N GLY A 222 2.75 -24.60 -5.01
CA GLY A 222 1.42 -24.98 -4.52
C GLY A 222 1.50 -26.23 -3.64
N GLN A 223 0.38 -26.96 -3.62
CA GLN A 223 0.28 -28.25 -2.91
C GLN A 223 1.27 -29.33 -3.39
N ALA A 224 1.58 -29.32 -4.69
CA ALA A 224 2.53 -30.31 -5.27
C ALA A 224 4.00 -29.86 -5.21
N GLY A 225 4.27 -28.82 -4.41
CA GLY A 225 5.58 -28.20 -4.40
C GLY A 225 5.80 -27.20 -5.54
N GLY A 226 7.06 -26.87 -5.78
CA GLY A 226 7.45 -26.01 -6.88
C GLY A 226 7.29 -26.70 -8.23
N LYS A 227 6.49 -26.10 -9.09
CA LYS A 227 6.24 -26.61 -10.46
C LYS A 227 6.34 -25.51 -11.51
N LEU A 228 6.98 -25.85 -12.64
CA LEU A 228 6.93 -25.08 -13.88
C LEU A 228 6.25 -25.87 -14.97
N HIS A 229 5.21 -25.28 -15.55
CA HIS A 229 4.44 -25.86 -16.67
C HIS A 229 4.65 -25.08 -17.97
N ILE A 230 4.88 -25.82 -19.05
CA ILE A 230 4.96 -25.23 -20.40
C ILE A 230 3.96 -25.90 -21.29
N ILE A 231 2.93 -25.16 -21.70
CA ILE A 231 1.87 -25.73 -22.51
C ILE A 231 1.61 -24.86 -23.75
N GLU A 232 1.21 -25.48 -24.87
CA GLU A 232 0.75 -24.69 -26.04
C GLU A 232 -0.67 -24.17 -25.81
N VAL A 233 -0.90 -22.89 -26.14
CA VAL A 233 -2.23 -22.34 -26.08
C VAL A 233 -2.82 -22.13 -27.49
N GLY A 234 -4.06 -22.57 -27.65
CA GLY A 234 -4.70 -22.51 -28.96
C GLY A 234 -4.54 -23.76 -29.84
N THR A 235 -5.16 -23.69 -31.01
CA THR A 235 -5.19 -24.79 -31.96
C THR A 235 -3.97 -24.73 -32.90
N PRO A 236 -3.18 -25.79 -32.93
CA PRO A 236 -2.05 -25.84 -33.86
C PRO A 236 -2.54 -25.53 -35.28
N PRO A 237 -1.86 -24.65 -36.02
CA PRO A 237 -2.18 -24.46 -37.45
C PRO A 237 -1.93 -25.72 -38.33
N THR A 238 -2.62 -25.81 -39.47
CA THR A 238 -2.35 -26.85 -40.50
C THR A 238 -0.89 -26.86 -40.84
N GLY A 239 -0.26 -28.01 -40.76
CA GLY A 239 1.20 -28.07 -40.92
C GLY A 239 2.01 -28.15 -39.62
N ASN A 240 1.35 -27.88 -38.48
CA ASN A 240 1.95 -28.01 -37.17
C ASN A 240 1.53 -29.26 -36.44
N GLN A 241 2.50 -29.97 -35.87
CA GLN A 241 2.13 -30.82 -34.75
C GLN A 241 2.04 -29.96 -33.49
N PRO A 242 1.23 -30.39 -32.52
CA PRO A 242 1.14 -29.73 -31.20
C PRO A 242 2.42 -29.83 -30.34
N PHE A 243 2.66 -28.83 -29.51
CA PHE A 243 3.77 -28.89 -28.55
C PHE A 243 3.38 -29.88 -27.41
N PRO A 244 4.23 -30.83 -27.06
CA PRO A 244 3.97 -31.69 -25.89
C PRO A 244 4.15 -30.94 -24.55
N LYS A 245 3.08 -30.88 -23.78
CA LYS A 245 3.04 -30.25 -22.46
C LYS A 245 4.21 -30.69 -21.66
N LYS A 246 4.93 -29.77 -21.01
CA LYS A 246 5.94 -30.11 -20.02
C LYS A 246 5.50 -29.69 -18.60
N ALA A 247 6.08 -30.38 -17.61
CA ALA A 247 5.79 -30.13 -16.21
C ALA A 247 7.00 -30.55 -15.40
N VAL A 248 7.83 -29.59 -15.00
CA VAL A 248 9.06 -29.86 -14.26
C VAL A 248 9.01 -29.26 -12.85
N ASP A 249 10.11 -29.38 -12.12
CA ASP A 249 10.20 -28.86 -10.77
C ASP A 249 10.88 -27.51 -10.70
N VAL A 250 10.43 -26.71 -9.74
CA VAL A 250 11.18 -25.60 -9.19
C VAL A 250 11.63 -26.02 -7.78
N PHE A 251 12.94 -26.05 -7.56
CA PHE A 251 13.49 -26.41 -6.25
C PHE A 251 13.53 -25.20 -5.26
N PHE A 252 12.87 -25.34 -4.12
CA PHE A 252 13.05 -24.39 -3.01
C PHE A 252 13.80 -25.08 -1.85
N PRO A 253 15.03 -24.65 -1.53
CA PRO A 253 15.78 -25.20 -0.39
C PRO A 253 15.04 -25.07 0.95
N PRO A 254 15.44 -25.86 1.96
CA PRO A 254 14.80 -25.83 3.29
C PRO A 254 14.86 -24.44 3.95
N GLU A 255 16.02 -23.80 3.85
CA GLU A 255 16.20 -22.43 4.31
C GLU A 255 15.38 -21.37 3.56
N ALA A 256 14.62 -21.73 2.54
CA ALA A 256 13.79 -20.77 1.81
C ALA A 256 12.31 -21.09 1.96
N GLN A 257 11.92 -21.21 3.23
CA GLN A 257 10.59 -21.73 3.64
C GLN A 257 9.43 -20.89 3.13
N ASN A 258 9.58 -19.58 3.18
CA ASN A 258 8.52 -18.68 2.72
C ASN A 258 8.68 -18.22 1.25
N ASP A 259 9.64 -18.77 0.52
CA ASP A 259 9.94 -18.31 -0.84
C ASP A 259 8.86 -18.77 -1.86
N PHE A 260 8.79 -18.05 -2.98
CA PHE A 260 7.84 -18.34 -4.04
C PHE A 260 8.23 -17.55 -5.31
N PRO A 261 7.70 -17.92 -6.48
CA PRO A 261 8.03 -17.19 -7.75
C PRO A 261 7.39 -15.82 -7.83
N VAL A 262 8.13 -14.83 -8.36
CA VAL A 262 7.55 -13.48 -8.55
C VAL A 262 7.75 -12.93 -9.95
N ALA A 263 8.78 -13.34 -10.69
CA ALA A 263 8.97 -12.82 -12.02
C ALA A 263 9.43 -13.88 -13.05
N MET A 264 9.01 -13.70 -14.30
CA MET A 264 9.49 -14.54 -15.40
C MET A 264 9.68 -13.67 -16.67
N GLN A 265 10.77 -13.90 -17.38
CA GLN A 265 10.93 -13.39 -18.73
C GLN A 265 11.51 -14.54 -19.56
N ILE A 266 11.22 -14.56 -20.86
CA ILE A 266 11.68 -15.65 -21.72
C ILE A 266 12.51 -15.12 -22.89
N SER A 267 13.70 -15.70 -23.12
CA SER A 267 14.58 -15.36 -24.27
C SER A 267 14.17 -16.07 -25.54
N GLU A 268 13.68 -15.32 -26.51
CA GLU A 268 13.29 -15.96 -27.74
C GLU A 268 14.48 -16.16 -28.70
N LYS A 269 15.63 -15.60 -28.37
CA LYS A 269 16.82 -15.81 -29.13
C LYS A 269 17.38 -17.17 -28.74
N HIS A 270 17.31 -17.51 -27.47
CA HIS A 270 17.97 -18.72 -26.94
C HIS A 270 16.99 -19.84 -26.59
N ASP A 271 15.69 -19.51 -26.60
CA ASP A 271 14.61 -20.36 -26.08
C ASP A 271 14.92 -20.85 -24.66
N VAL A 272 15.16 -19.90 -23.76
CA VAL A 272 15.29 -20.20 -22.32
C VAL A 272 14.39 -19.34 -21.46
N VAL A 273 13.97 -19.94 -20.35
CA VAL A 273 13.11 -19.31 -19.37
C VAL A 273 13.97 -18.83 -18.20
N PHE A 274 13.85 -17.53 -17.90
CA PHE A 274 14.41 -16.94 -16.68
C PHE A 274 13.31 -16.87 -15.58
N LEU A 275 13.59 -17.44 -14.41
CA LEU A 275 12.65 -17.39 -13.25
C LEU A 275 13.30 -16.81 -12.01
N ILE A 276 12.66 -15.80 -11.43
CA ILE A 276 13.15 -15.13 -10.22
C ILE A 276 12.15 -15.33 -9.08
N THR A 277 12.66 -15.66 -7.90
CA THR A 277 11.80 -15.85 -6.70
C THR A 277 11.83 -14.65 -5.75
N LYS A 278 10.81 -14.58 -4.90
CA LYS A 278 10.72 -13.62 -3.79
C LYS A 278 12.03 -13.41 -3.06
N TYR A 279 12.77 -14.48 -2.75
CA TYR A 279 13.98 -14.33 -1.96
C TYR A 279 15.15 -13.84 -2.78
N GLY A 280 15.03 -13.84 -4.12
CA GLY A 280 16.15 -13.46 -4.98
C GLY A 280 16.98 -14.57 -5.62
N TYR A 281 16.42 -15.77 -5.71
CA TYR A 281 17.03 -16.85 -6.50
C TYR A 281 16.67 -16.74 -7.98
N ILE A 282 17.59 -17.11 -8.87
CA ILE A 282 17.23 -17.26 -10.29
C ILE A 282 17.35 -18.74 -10.73
N HIS A 283 16.45 -19.17 -11.62
CA HIS A 283 16.51 -20.49 -12.24
C HIS A 283 16.48 -20.31 -13.74
N LEU A 284 17.27 -21.13 -14.45
CA LEU A 284 17.27 -21.15 -15.91
C LEU A 284 16.82 -22.51 -16.44
N TYR A 285 15.85 -22.51 -17.35
CA TYR A 285 15.27 -23.72 -17.93
C TYR A 285 15.27 -23.65 -19.43
N ASP A 286 15.46 -24.81 -20.08
CA ASP A 286 15.28 -24.95 -21.51
C ASP A 286 13.77 -24.91 -21.82
N LEU A 287 13.36 -24.06 -22.76
CA LEU A 287 11.92 -23.92 -23.10
C LEU A 287 11.32 -25.19 -23.77
N GLU A 288 12.08 -25.79 -24.69
CA GLU A 288 11.64 -27.01 -25.39
C GLU A 288 11.39 -28.20 -24.45
N THR A 289 12.38 -28.52 -23.64
CA THR A 289 12.33 -29.72 -22.79
C THR A 289 11.84 -29.48 -21.37
N GLY A 290 12.01 -28.26 -20.87
CA GLY A 290 11.74 -27.94 -19.49
C GLY A 290 12.89 -28.31 -18.58
N THR A 291 14.07 -28.59 -19.14
CA THR A 291 15.23 -28.98 -18.33
C THR A 291 15.84 -27.75 -17.62
N CYS A 292 16.07 -27.90 -16.31
CA CYS A 292 16.71 -26.86 -15.50
C CYS A 292 18.18 -26.90 -15.78
N ILE A 293 18.69 -25.79 -16.29
CA ILE A 293 20.08 -25.65 -16.67
C ILE A 293 20.91 -25.15 -15.50
N TYR A 294 20.32 -24.29 -14.67
CA TYR A 294 21.08 -23.54 -13.68
C TYR A 294 20.21 -22.93 -12.56
N MET A 295 20.77 -22.80 -11.37
CA MET A 295 20.11 -22.13 -10.27
C MET A 295 21.11 -21.47 -9.28
N ASN A 296 20.80 -20.25 -8.82
CA ASN A 296 21.63 -19.56 -7.81
C ASN A 296 20.89 -18.41 -7.15
N ARG A 297 21.50 -17.81 -6.12
CA ARG A 297 20.90 -16.66 -5.47
C ARG A 297 21.63 -15.42 -5.94
N ILE A 298 20.89 -14.50 -6.59
CA ILE A 298 21.49 -13.29 -7.16
C ILE A 298 21.22 -12.02 -6.30
N SER A 299 20.26 -12.09 -5.38
CA SER A 299 19.91 -10.91 -4.58
C SER A 299 19.54 -11.32 -3.15
N GLY A 300 20.06 -10.56 -2.18
CA GLY A 300 19.63 -10.69 -0.77
C GLY A 300 18.24 -10.12 -0.47
N GLU A 301 17.75 -9.25 -1.36
CA GLU A 301 16.45 -8.58 -1.18
C GLU A 301 15.50 -8.85 -2.36
N THR A 302 14.20 -8.77 -2.10
CA THR A 302 13.18 -8.91 -3.14
C THR A 302 13.44 -8.02 -4.39
N ILE A 303 13.47 -8.66 -5.56
CA ILE A 303 13.41 -7.99 -6.85
C ILE A 303 11.93 -7.82 -7.22
N PHE A 304 11.41 -6.60 -7.25
CA PHE A 304 9.96 -6.38 -7.26
C PHE A 304 9.45 -5.96 -8.65
N VAL A 305 10.36 -5.73 -9.58
CA VAL A 305 9.99 -5.32 -10.95
C VAL A 305 11.09 -5.85 -11.88
N THR A 306 10.71 -6.42 -13.04
CA THR A 306 11.66 -6.86 -14.07
C THR A 306 11.18 -6.44 -15.45
N ALA A 307 12.10 -6.48 -16.41
CA ALA A 307 11.73 -6.37 -17.82
C ALA A 307 12.70 -7.20 -18.70
N PRO A 308 12.36 -7.48 -19.96
CA PRO A 308 13.35 -8.07 -20.87
C PRO A 308 14.52 -7.09 -21.12
N HIS A 309 15.73 -7.64 -21.06
CA HIS A 309 16.93 -6.94 -21.47
C HIS A 309 17.14 -7.22 -22.99
N GLU A 310 16.55 -6.33 -23.80
CA GLU A 310 16.24 -6.58 -25.21
C GLU A 310 17.47 -6.77 -26.12
N ALA A 311 18.57 -6.09 -25.78
CA ALA A 311 19.79 -6.17 -26.59
C ALA A 311 20.51 -7.51 -26.38
N THR A 312 20.24 -8.20 -25.27
CA THR A 312 20.93 -9.46 -24.95
C THR A 312 19.99 -10.64 -24.81
N ALA A 313 18.71 -10.38 -25.08
CA ALA A 313 17.64 -11.28 -24.77
C ALA A 313 17.68 -11.85 -23.33
N GLY A 314 18.16 -11.07 -22.35
CA GLY A 314 18.19 -11.47 -20.94
C GLY A 314 17.04 -10.90 -20.09
N ILE A 315 17.29 -10.87 -18.78
CA ILE A 315 16.38 -10.25 -17.80
C ILE A 315 17.09 -9.19 -16.95
N ILE A 316 16.42 -8.06 -16.80
CA ILE A 316 16.88 -6.99 -15.91
C ILE A 316 15.80 -6.71 -14.82
N GLY A 317 16.24 -6.41 -13.60
CA GLY A 317 15.33 -6.11 -12.48
C GLY A 317 15.86 -5.09 -11.49
N VAL A 318 15.00 -4.66 -10.56
CA VAL A 318 15.36 -3.73 -9.48
C VAL A 318 14.98 -4.32 -8.13
N ASN A 319 15.90 -4.28 -7.17
CA ASN A 319 15.59 -4.78 -5.82
C ASN A 319 15.33 -3.66 -4.79
N ARG A 320 14.93 -4.09 -3.61
CA ARG A 320 14.51 -3.20 -2.54
C ARG A 320 15.64 -2.30 -1.98
N LYS A 321 16.89 -2.70 -2.17
CA LYS A 321 18.08 -1.86 -1.87
C LYS A 321 18.46 -0.89 -2.97
N GLY A 322 17.69 -0.82 -4.05
CA GLY A 322 18.07 -0.01 -5.21
C GLY A 322 19.08 -0.60 -6.17
N GLN A 323 19.49 -1.83 -5.99
CA GLN A 323 20.36 -2.45 -7.01
C GLN A 323 19.57 -2.78 -8.30
N VAL A 324 20.09 -2.31 -9.43
CA VAL A 324 19.61 -2.68 -10.75
C VAL A 324 20.53 -3.79 -11.32
N LEU A 325 19.96 -5.01 -11.43
CA LEU A 325 20.69 -6.23 -11.77
C LEU A 325 20.19 -6.80 -13.10
N SER A 326 21.08 -7.47 -13.83
CA SER A 326 20.72 -8.24 -15.01
C SER A 326 21.39 -9.60 -15.07
N VAL A 327 20.72 -10.53 -15.74
CA VAL A 327 21.25 -11.85 -16.02
C VAL A 327 21.02 -12.11 -17.48
N CYS A 328 22.07 -12.50 -18.20
CA CYS A 328 21.93 -12.96 -19.60
C CYS A 328 22.65 -14.28 -19.84
N VAL A 329 22.25 -14.95 -20.92
CA VAL A 329 22.99 -16.13 -21.39
C VAL A 329 24.40 -15.73 -21.83
N GLU A 330 25.38 -16.48 -21.36
CA GLU A 330 26.73 -16.43 -21.93
C GLU A 330 26.73 -17.23 -23.23
N GLU A 331 26.64 -16.56 -24.36
CA GLU A 331 26.45 -17.23 -25.64
C GLU A 331 27.59 -18.18 -26.03
N GLU A 332 28.82 -17.91 -25.59
CA GLU A 332 29.94 -18.79 -25.93
C GLU A 332 30.07 -19.98 -24.96
N ASN A 333 29.43 -19.93 -23.80
CA ASN A 333 29.62 -20.96 -22.75
C ASN A 333 28.44 -21.88 -22.40
N ILE A 334 27.24 -21.58 -22.89
CA ILE A 334 26.06 -22.34 -22.44
C ILE A 334 26.09 -23.79 -22.96
N ILE A 335 26.36 -23.97 -24.27
CA ILE A 335 26.51 -25.33 -24.85
C ILE A 335 27.61 -26.14 -24.16
N PRO A 336 28.85 -25.64 -24.13
CA PRO A 336 29.90 -26.28 -23.36
C PRO A 336 29.49 -26.67 -21.95
N TYR A 337 28.74 -25.80 -21.27
CA TYR A 337 28.37 -26.03 -19.86
C TYR A 337 27.35 -27.16 -19.72
N ILE A 338 26.42 -27.23 -20.66
CA ILE A 338 25.46 -28.34 -20.72
C ILE A 338 26.15 -29.66 -21.09
N THR A 339 26.93 -29.64 -22.18
CA THR A 339 27.83 -30.77 -22.52
C THR A 339 28.69 -31.23 -21.32
N ASN A 340 29.56 -30.35 -20.81
CA ASN A 340 30.64 -30.74 -19.91
C ASN A 340 30.30 -30.73 -18.42
N VAL A 341 29.66 -29.67 -17.92
CA VAL A 341 29.34 -29.62 -16.48
C VAL A 341 28.05 -30.39 -16.16
N LEU A 342 27.02 -30.22 -16.99
CA LEU A 342 25.74 -30.94 -16.77
C LEU A 342 25.79 -32.42 -17.18
N GLN A 343 26.68 -32.73 -18.13
CA GLN A 343 26.85 -34.10 -18.65
C GLN A 343 25.56 -34.46 -19.42
N ASN A 344 25.14 -33.54 -20.30
CA ASN A 344 23.92 -33.72 -21.08
C ASN A 344 24.19 -33.37 -22.55
N PRO A 345 24.98 -34.18 -23.24
CA PRO A 345 25.32 -33.94 -24.64
C PRO A 345 24.13 -33.98 -25.59
N ASP A 346 23.07 -34.68 -25.20
CA ASP A 346 21.85 -34.73 -26.02
C ASP A 346 21.16 -33.36 -26.09
N LEU A 347 20.92 -32.75 -24.92
CA LEU A 347 20.38 -31.38 -24.86
C LEU A 347 21.26 -30.38 -25.62
N ALA A 348 22.58 -30.45 -25.38
CA ALA A 348 23.52 -29.52 -26.02
C ALA A 348 23.54 -29.64 -27.56
N LEU A 349 23.52 -30.86 -28.09
CA LEU A 349 23.39 -31.08 -29.53
C LEU A 349 22.09 -30.49 -30.05
N ARG A 350 21.00 -30.74 -29.31
CA ARG A 350 19.68 -30.26 -29.70
C ARG A 350 19.63 -28.73 -29.77
N MET A 351 20.31 -28.06 -28.84
CA MET A 351 20.36 -26.59 -28.83
C MET A 351 21.21 -26.08 -29.99
N ALA A 352 22.42 -26.65 -30.10
CA ALA A 352 23.26 -26.45 -31.28
C ALA A 352 22.49 -26.70 -32.57
N VAL A 353 21.91 -27.89 -32.68
CA VAL A 353 21.19 -28.30 -33.90
C VAL A 353 20.05 -27.34 -34.26
N ARG A 354 19.32 -26.85 -33.25
CA ARG A 354 18.24 -25.88 -33.49
C ARG A 354 18.79 -24.48 -33.83
N ASN A 355 20.06 -24.23 -33.53
CA ASN A 355 20.71 -23.00 -33.97
C ASN A 355 21.07 -23.02 -35.45
N GLN B 3 4.36 36.00 21.24
CA GLN B 3 5.54 35.61 22.05
C GLN B 3 5.13 34.72 23.23
N ILE B 4 3.94 34.89 23.80
CA ILE B 4 3.36 33.70 24.46
C ILE B 4 2.42 32.89 23.54
N LEU B 5 2.41 31.59 23.79
CA LEU B 5 1.59 30.61 23.08
C LEU B 5 0.59 29.93 24.04
N PRO B 6 -0.61 29.60 23.58
CA PRO B 6 -1.51 28.75 24.33
C PRO B 6 -1.13 27.26 24.35
N ILE B 7 -0.10 26.88 23.57
CA ILE B 7 0.41 25.49 23.51
C ILE B 7 1.90 25.35 23.83
N ARG B 8 2.29 24.10 24.03
CA ARG B 8 3.65 23.65 24.24
C ARG B 8 3.94 22.62 23.11
N PHE B 9 4.94 22.90 22.27
CA PHE B 9 5.37 22.01 21.18
C PHE B 9 6.69 21.36 21.56
N GLN B 10 6.93 20.13 21.09
CA GLN B 10 8.05 19.29 21.57
C GLN B 10 8.37 18.06 20.72
N GLU B 11 9.65 17.85 20.39
CA GLU B 11 10.14 16.64 19.72
C GLU B 11 10.71 15.69 20.76
N HIS B 12 10.21 14.46 20.81
CA HIS B 12 10.66 13.47 21.80
C HIS B 12 11.73 12.52 21.28
N LEU B 13 11.84 12.39 19.95
CA LEU B 13 12.62 11.32 19.33
C LEU B 13 12.69 11.50 17.83
N GLN B 14 13.87 11.24 17.27
CA GLN B 14 14.00 10.98 15.84
C GLN B 14 14.32 9.47 15.75
N LEU B 15 13.45 8.74 15.08
CA LEU B 15 13.54 7.27 15.06
C LEU B 15 14.72 6.78 14.18
N GLN B 16 15.12 7.61 13.21
CA GLN B 16 16.32 7.34 12.41
C GLN B 16 17.59 7.28 13.25
N ASN B 17 17.66 8.06 14.35
CA ASN B 17 18.74 7.94 15.34
C ASN B 17 18.71 6.63 16.13
N LEU B 18 17.77 5.76 15.87
CA LEU B 18 17.77 4.44 16.49
C LEU B 18 18.19 3.36 15.46
N GLY B 19 18.56 3.83 14.28
CA GLY B 19 18.95 2.93 13.17
C GLY B 19 17.78 2.57 12.27
N ILE B 20 16.62 3.19 12.48
CA ILE B 20 15.42 2.75 11.78
C ILE B 20 15.37 3.27 10.33
N ASN B 21 15.02 2.36 9.44
CA ASN B 21 14.99 2.59 8.01
C ASN B 21 13.72 3.36 7.59
N PRO B 22 13.90 4.50 6.92
CA PRO B 22 12.80 5.37 6.51
C PRO B 22 11.72 4.71 5.63
N ALA B 23 12.05 3.63 4.93
CA ALA B 23 11.04 2.90 4.17
C ALA B 23 9.98 2.33 5.12
N ASN B 24 10.36 2.13 6.37
CA ASN B 24 9.48 1.58 7.43
C ASN B 24 8.72 2.60 8.28
N ILE B 25 8.95 3.89 8.04
CA ILE B 25 8.21 4.99 8.71
C ILE B 25 7.07 5.53 7.83
N GLY B 26 5.94 4.85 7.93
CA GLY B 26 4.76 5.19 7.17
C GLY B 26 3.58 4.43 7.75
N PHE B 27 2.38 4.85 7.35
CA PHE B 27 1.13 4.32 7.83
C PHE B 27 1.04 2.78 7.76
N SER B 28 1.72 2.14 6.77
CA SER B 28 1.54 0.68 6.58
C SER B 28 2.46 -0.18 7.42
N THR B 29 3.49 0.41 8.04
CA THR B 29 4.42 -0.36 8.85
C THR B 29 4.67 0.17 10.27
N LEU B 30 4.20 1.37 10.56
CA LEU B 30 4.43 1.94 11.86
C LEU B 30 3.07 2.23 12.55
N THR B 31 2.88 1.64 13.75
CA THR B 31 1.65 1.80 14.56
C THR B 31 1.92 2.47 15.92
N MET B 32 0.98 3.30 16.36
CA MET B 32 1.05 3.91 17.70
C MET B 32 -0.36 3.93 18.29
N GLU B 33 -0.69 2.87 19.03
CA GLU B 33 -2.05 2.66 19.57
C GLU B 33 -2.33 3.42 20.90
N SER B 34 -1.28 4.01 21.46
CA SER B 34 -1.32 4.84 22.67
C SER B 34 0.06 5.49 22.78
N ASP B 35 0.21 6.41 23.73
CA ASP B 35 1.52 7.00 23.98
C ASP B 35 2.56 6.13 24.71
N LYS B 36 2.26 4.88 25.05
CA LYS B 36 3.20 3.98 25.74
C LYS B 36 4.17 3.23 24.83
N PHE B 37 3.74 2.86 23.61
CA PHE B 37 4.55 2.08 22.67
C PHE B 37 4.49 2.54 21.19
N ILE B 38 5.62 2.46 20.48
CA ILE B 38 5.64 2.53 19.02
C ILE B 38 6.13 1.18 18.51
N CYS B 39 5.44 0.64 17.51
CA CYS B 39 5.81 -0.62 16.96
C CYS B 39 6.09 -0.50 15.44
N ILE B 40 7.30 -0.89 15.04
CA ILE B 40 7.73 -0.82 13.64
C ILE B 40 8.00 -2.23 13.07
N ARG B 41 7.29 -2.54 11.99
CA ARG B 41 7.45 -3.78 11.26
C ARG B 41 8.55 -3.57 10.20
N GLU B 42 9.64 -4.34 10.29
CA GLU B 42 10.76 -4.12 9.41
C GLU B 42 11.12 -5.41 8.65
N LYS B 43 11.75 -5.25 7.51
CA LYS B 43 12.22 -6.38 6.70
C LYS B 43 13.74 -6.32 6.67
N VAL B 44 14.41 -7.41 7.01
CA VAL B 44 15.88 -7.50 6.89
C VAL B 44 16.26 -8.74 6.05
N GLY B 45 16.78 -8.50 4.85
CA GLY B 45 16.71 -9.51 3.80
C GLY B 45 15.26 -9.99 3.76
N GLU B 46 15.05 -11.29 4.00
CA GLU B 46 13.72 -11.87 3.97
C GLU B 46 13.15 -12.31 5.34
N GLN B 47 13.84 -12.02 6.45
CA GLN B 47 13.21 -12.16 7.79
C GLN B 47 12.42 -10.88 8.21
N ALA B 48 11.12 -11.00 8.44
CA ALA B 48 10.38 -9.87 8.99
C ALA B 48 10.67 -9.74 10.49
N GLN B 49 10.64 -8.53 11.01
CA GLN B 49 10.71 -8.31 12.46
C GLN B 49 9.90 -7.12 12.97
N VAL B 50 9.46 -7.20 14.23
CA VAL B 50 8.90 -6.03 14.92
C VAL B 50 9.90 -5.41 15.86
N VAL B 51 10.01 -4.08 15.78
CA VAL B 51 10.76 -3.28 16.73
C VAL B 51 9.74 -2.58 17.64
N ILE B 52 9.82 -2.91 18.94
CA ILE B 52 8.94 -2.29 19.95
C ILE B 52 9.75 -1.29 20.75
N ILE B 53 9.29 -0.04 20.75
CA ILE B 53 9.86 1.01 21.55
C ILE B 53 8.89 1.42 22.67
N ASP B 54 9.29 1.13 23.92
CA ASP B 54 8.66 1.69 25.14
C ASP B 54 9.01 3.16 25.23
N MET B 55 8.01 4.02 25.32
CA MET B 55 8.25 5.46 25.32
C MET B 55 8.81 6.00 26.66
N ASN B 56 8.79 5.15 27.69
CA ASN B 56 9.50 5.44 28.96
C ASN B 56 11.01 5.18 28.85
N ASP B 57 11.38 4.23 27.99
CA ASP B 57 12.77 3.83 27.74
C ASP B 57 13.18 3.94 26.23
N PRO B 58 13.12 5.14 25.65
CA PRO B 58 13.30 5.33 24.19
C PRO B 58 14.59 4.80 23.53
N SER B 59 15.63 4.52 24.32
CA SER B 59 16.95 4.18 23.78
C SER B 59 17.24 2.66 23.77
N ASN B 60 16.48 1.89 24.54
CA ASN B 60 16.56 0.41 24.53
C ASN B 60 15.34 -0.28 23.93
N PRO B 61 15.12 -0.14 22.62
CA PRO B 61 14.05 -0.89 21.96
C PRO B 61 14.46 -2.34 21.82
N ILE B 62 13.48 -3.23 21.66
CA ILE B 62 13.76 -4.62 21.30
C ILE B 62 13.24 -4.93 19.89
N ARG B 63 14.02 -5.69 19.12
CA ARG B 63 13.57 -6.29 17.85
C ARG B 63 13.20 -7.73 18.11
N ARG B 64 12.30 -8.28 17.33
CA ARG B 64 12.08 -9.73 17.34
C ARG B 64 11.47 -10.24 16.03
N PRO B 65 11.72 -11.50 15.68
CA PRO B 65 11.17 -12.10 14.47
C PRO B 65 9.66 -12.23 14.47
N ILE B 66 9.04 -12.14 13.30
CA ILE B 66 7.62 -12.44 13.16
C ILE B 66 7.36 -12.98 11.77
N SER B 67 6.21 -13.61 11.60
CA SER B 67 5.65 -13.82 10.29
C SER B 67 4.27 -13.23 10.31
N ALA B 68 4.19 -11.92 10.07
CA ALA B 68 2.90 -11.23 10.02
C ALA B 68 3.02 -9.95 9.18
N ASP B 69 1.92 -9.62 8.53
CA ASP B 69 1.82 -8.43 7.72
C ASP B 69 1.59 -7.15 8.56
N SER B 70 1.18 -7.30 9.84
CA SER B 70 0.66 -6.17 10.63
C SER B 70 0.75 -6.46 12.17
N ALA B 71 1.18 -5.46 12.95
CA ALA B 71 1.35 -5.58 14.40
C ALA B 71 0.81 -4.35 15.16
N ILE B 72 -0.08 -4.58 16.14
CA ILE B 72 -0.59 -3.51 16.99
C ILE B 72 -0.51 -3.86 18.50
N MET B 73 0.25 -3.04 19.21
CA MET B 73 0.39 -3.17 20.67
C MET B 73 -0.88 -2.72 21.37
N ASN B 74 -1.32 -3.52 22.34
CA ASN B 74 -2.28 -3.09 23.35
C ASN B 74 -1.95 -1.69 23.88
N PRO B 75 -2.97 -0.87 24.18
CA PRO B 75 -2.71 0.49 24.73
C PRO B 75 -1.87 0.57 26.07
N ALA B 76 -1.92 -0.43 26.96
CA ALA B 76 -1.08 -0.44 28.18
C ALA B 76 -0.20 -1.67 28.37
N SER B 77 -0.72 -2.87 28.13
CA SER B 77 -0.03 -4.09 28.53
C SER B 77 1.07 -4.59 27.51
N LYS B 78 1.96 -5.47 27.95
CA LYS B 78 2.96 -6.10 27.05
C LYS B 78 2.32 -7.21 26.22
N VAL B 79 1.29 -6.80 25.46
CA VAL B 79 0.45 -7.71 24.66
C VAL B 79 0.32 -7.16 23.21
N ILE B 80 0.45 -8.03 22.22
CA ILE B 80 0.51 -7.61 20.80
C ILE B 80 -0.48 -8.45 19.99
N ALA B 81 -1.24 -7.78 19.13
CA ALA B 81 -2.04 -8.44 18.10
C ALA B 81 -1.21 -8.54 16.80
N LEU B 82 -1.33 -9.68 16.10
CA LEU B 82 -0.51 -10.03 14.92
C LEU B 82 -1.37 -10.67 13.88
N LYS B 83 -1.23 -10.32 12.62
CA LYS B 83 -2.01 -11.02 11.61
C LYS B 83 -1.30 -11.37 10.30
N ALA B 84 -1.86 -12.40 9.64
CA ALA B 84 -1.49 -12.87 8.27
C ALA B 84 -2.76 -13.11 7.42
N GLY B 85 -3.22 -12.04 6.77
CA GLY B 85 -4.39 -12.07 5.90
C GLY B 85 -5.70 -12.22 6.66
N LYS B 86 -6.18 -13.47 6.70
CA LYS B 86 -7.37 -13.78 7.44
C LYS B 86 -7.01 -14.33 8.84
N THR B 87 -5.74 -14.60 9.09
CA THR B 87 -5.37 -15.20 10.38
C THR B 87 -4.85 -14.20 11.44
N LEU B 88 -5.59 -14.12 12.54
CA LEU B 88 -5.37 -13.17 13.62
C LEU B 88 -4.89 -13.90 14.88
N GLN B 89 -3.90 -13.33 15.57
CA GLN B 89 -3.37 -13.92 16.82
C GLN B 89 -3.22 -12.81 17.87
N ILE B 90 -3.53 -13.12 19.13
CA ILE B 90 -3.20 -12.18 20.24
C ILE B 90 -2.19 -12.84 21.16
N PHE B 91 -1.10 -12.12 21.41
CA PHE B 91 0.12 -12.69 21.95
C PHE B 91 0.57 -11.93 23.18
N ASN B 92 0.82 -12.66 24.25
CA ASN B 92 1.47 -12.08 25.41
C ASN B 92 2.97 -12.15 25.18
N ILE B 93 3.59 -10.97 25.00
CA ILE B 93 5.02 -10.85 24.74
C ILE B 93 5.84 -11.40 25.88
N GLU B 94 5.48 -11.02 27.10
CA GLU B 94 6.35 -11.30 28.23
C GLU B 94 6.30 -12.79 28.66
N MET B 95 5.15 -13.44 28.46
CA MET B 95 5.01 -14.90 28.69
C MET B 95 5.32 -15.72 27.44
N LYS B 96 5.86 -15.09 26.39
CA LYS B 96 6.10 -15.76 25.12
C LYS B 96 5.03 -16.81 24.83
N SER B 97 3.76 -16.40 24.89
CA SER B 97 2.62 -17.32 24.70
C SER B 97 1.47 -16.73 23.90
N LYS B 98 0.81 -17.61 23.15
CA LYS B 98 -0.39 -17.27 22.41
C LYS B 98 -1.61 -17.24 23.35
N MET B 99 -2.23 -16.08 23.50
CA MET B 99 -3.49 -15.99 24.23
C MET B 99 -4.72 -16.44 23.43
N LYS B 100 -4.79 -16.12 22.14
CA LYS B 100 -6.06 -16.27 21.39
C LYS B 100 -5.79 -16.28 19.89
N ALA B 101 -6.68 -16.88 19.09
CA ALA B 101 -6.56 -16.81 17.61
C ALA B 101 -7.88 -17.01 16.87
N HIS B 102 -7.95 -16.46 15.66
CA HIS B 102 -9.13 -16.57 14.80
C HIS B 102 -8.75 -16.39 13.31
N THR B 103 -9.37 -17.22 12.48
CA THR B 103 -9.23 -17.10 11.03
C THR B 103 -10.54 -16.54 10.47
N MET B 104 -10.47 -15.30 10.00
CA MET B 104 -11.61 -14.61 9.34
C MET B 104 -11.92 -15.19 7.94
N THR B 105 -13.16 -15.05 7.48
CA THR B 105 -13.48 -15.39 6.11
C THR B 105 -12.95 -14.38 5.10
N ASP B 106 -13.09 -13.08 5.39
CA ASP B 106 -12.50 -12.03 4.53
C ASP B 106 -11.24 -11.45 5.16
N ASP B 107 -10.38 -10.83 4.33
CA ASP B 107 -9.18 -10.13 4.85
C ASP B 107 -9.55 -8.93 5.73
N VAL B 108 -8.70 -8.68 6.73
CA VAL B 108 -8.79 -7.48 7.55
C VAL B 108 -7.87 -6.45 6.94
N THR B 109 -8.47 -5.36 6.45
CA THR B 109 -7.76 -4.32 5.73
C THR B 109 -7.31 -3.23 6.70
N PHE B 110 -8.05 -3.10 7.81
CA PHE B 110 -7.73 -2.14 8.87
C PHE B 110 -8.15 -2.66 10.25
N TRP B 111 -7.29 -2.45 11.23
CA TRP B 111 -7.58 -2.79 12.61
C TRP B 111 -6.93 -1.85 13.65
N LYS B 112 -7.48 -1.91 14.88
CA LYS B 112 -7.16 -0.96 15.93
C LYS B 112 -7.65 -1.41 17.34
N TRP B 113 -6.88 -1.16 18.41
CA TRP B 113 -7.41 -1.39 19.80
C TRP B 113 -8.32 -0.21 20.16
N ILE B 114 -9.56 -0.43 20.54
CA ILE B 114 -10.43 0.70 20.90
C ILE B 114 -10.56 0.82 22.41
N SER B 115 -9.97 -0.14 23.12
CA SER B 115 -9.92 -0.12 24.57
C SER B 115 -8.81 -1.09 24.96
N LEU B 116 -8.74 -1.45 26.24
CA LEU B 116 -7.73 -2.41 26.72
C LEU B 116 -8.07 -3.86 26.42
N ASN B 117 -9.32 -4.12 26.12
CA ASN B 117 -9.77 -5.47 25.86
C ASN B 117 -10.19 -5.78 24.39
N THR B 118 -10.52 -4.76 23.60
CA THR B 118 -11.20 -4.96 22.30
C THR B 118 -10.40 -4.46 21.07
N VAL B 119 -10.20 -5.38 20.14
CA VAL B 119 -9.67 -5.07 18.80
C VAL B 119 -10.86 -4.88 17.84
N ALA B 120 -10.95 -3.68 17.25
CA ALA B 120 -11.85 -3.43 16.11
C ALA B 120 -11.22 -3.93 14.79
N LEU B 121 -11.99 -4.72 14.04
CA LEU B 121 -11.52 -5.30 12.77
C LEU B 121 -12.40 -4.75 11.61
N VAL B 122 -11.77 -4.14 10.62
CA VAL B 122 -12.47 -3.66 9.41
C VAL B 122 -12.11 -4.54 8.19
N THR B 123 -13.13 -5.14 7.56
CA THR B 123 -12.99 -5.85 6.27
C THR B 123 -13.58 -4.94 5.18
N ASP B 124 -13.59 -5.46 3.95
CA ASP B 124 -14.18 -4.72 2.82
C ASP B 124 -15.67 -4.51 2.98
N ASN B 125 -16.31 -5.40 3.73
CA ASN B 125 -17.77 -5.46 3.81
C ASN B 125 -18.39 -5.14 5.16
N ALA B 126 -17.63 -5.24 6.26
CA ALA B 126 -18.21 -5.00 7.62
C ALA B 126 -17.17 -4.62 8.72
N VAL B 127 -17.67 -4.23 9.90
CA VAL B 127 -16.87 -3.91 11.12
C VAL B 127 -17.23 -4.86 12.27
N TYR B 128 -16.20 -5.42 12.88
CA TYR B 128 -16.26 -6.40 13.96
C TYR B 128 -15.53 -5.88 15.20
N HIS B 129 -16.04 -6.29 16.37
CA HIS B 129 -15.37 -6.11 17.66
C HIS B 129 -14.93 -7.45 18.22
N TRP B 130 -13.66 -7.54 18.56
CA TRP B 130 -13.05 -8.76 19.04
C TRP B 130 -12.47 -8.54 20.45
N SER B 131 -13.11 -9.17 21.44
CA SER B 131 -12.73 -9.10 22.85
C SER B 131 -11.54 -10.03 23.16
N MET B 132 -10.48 -9.48 23.73
CA MET B 132 -9.36 -10.32 24.16
C MET B 132 -9.82 -11.34 25.22
N GLU B 133 -10.56 -10.90 26.23
CA GLU B 133 -10.97 -11.82 27.29
C GLU B 133 -12.00 -12.81 26.77
N GLY B 134 -11.99 -14.01 27.36
CA GLY B 134 -13.03 -14.99 27.08
C GLY B 134 -12.75 -15.90 25.90
N GLU B 135 -13.78 -16.61 25.46
CA GLU B 135 -13.70 -17.53 24.31
C GLU B 135 -14.22 -16.91 22.96
N SER B 136 -15.09 -15.94 23.07
CA SER B 136 -15.70 -15.23 21.93
C SER B 136 -14.88 -15.07 20.60
N GLN B 137 -15.57 -15.36 19.51
CA GLN B 137 -15.16 -14.97 18.16
C GLN B 137 -15.52 -13.49 17.93
N PRO B 138 -14.99 -12.87 16.86
CA PRO B 138 -15.35 -11.49 16.55
C PRO B 138 -16.84 -11.35 16.29
N VAL B 139 -17.44 -10.27 16.74
CA VAL B 139 -18.88 -10.07 16.61
C VAL B 139 -19.05 -8.92 15.59
N LYS B 140 -19.88 -9.15 14.58
CA LYS B 140 -20.13 -8.16 13.53
C LYS B 140 -20.96 -7.05 14.14
N MET B 141 -20.48 -5.81 14.15
CA MET B 141 -21.26 -4.68 14.72
C MET B 141 -22.18 -4.00 13.72
N PHE B 142 -21.72 -3.92 12.48
CA PHE B 142 -22.48 -3.34 11.39
C PHE B 142 -21.85 -3.63 10.02
N ASP B 143 -22.68 -3.57 8.99
CA ASP B 143 -22.24 -3.74 7.61
C ASP B 143 -21.88 -2.40 7.00
N ARG B 144 -20.87 -2.37 6.16
CA ARG B 144 -20.39 -1.13 5.54
C ARG B 144 -21.35 -0.49 4.54
N HIS B 145 -21.43 0.83 4.54
CA HIS B 145 -22.25 1.57 3.61
C HIS B 145 -21.50 1.77 2.28
N SER B 146 -22.26 1.80 1.18
CA SER B 146 -21.68 1.87 -0.19
C SER B 146 -20.93 3.16 -0.45
N SER B 147 -21.28 4.24 0.25
CA SER B 147 -20.53 5.48 0.10
C SER B 147 -19.02 5.38 0.50
N LEU B 148 -18.64 4.30 1.21
CA LEU B 148 -17.24 4.04 1.56
C LEU B 148 -16.52 3.00 0.64
N ALA B 149 -17.27 2.41 -0.32
CA ALA B 149 -16.67 1.38 -1.20
C ALA B 149 -15.53 2.00 -2.02
N GLY B 150 -14.38 1.36 -2.03
CA GLY B 150 -13.21 1.90 -2.72
C GLY B 150 -12.26 2.79 -1.92
N CYS B 151 -12.75 3.34 -0.80
CA CYS B 151 -11.94 4.24 0.05
C CYS B 151 -10.79 3.50 0.67
N GLN B 152 -9.78 4.28 1.05
CA GLN B 152 -8.76 3.79 1.94
C GLN B 152 -9.21 4.11 3.39
N ILE B 153 -9.30 3.10 4.25
CA ILE B 153 -9.73 3.34 5.63
C ILE B 153 -8.60 3.97 6.42
N ILE B 154 -8.88 5.08 7.13
CA ILE B 154 -7.83 5.72 7.96
C ILE B 154 -8.10 5.76 9.47
N ASN B 155 -9.35 5.73 9.89
CA ASN B 155 -9.62 5.62 11.30
C ASN B 155 -10.93 4.91 11.60
N TYR B 156 -11.02 4.40 12.84
CA TYR B 156 -12.24 3.97 13.46
C TYR B 156 -12.26 4.46 14.91
N ARG B 157 -13.39 5.05 15.29
CA ARG B 157 -13.62 5.70 16.58
C ARG B 157 -14.92 5.22 17.18
N THR B 158 -14.94 5.29 18.50
CA THR B 158 -16.07 4.97 19.35
C THR B 158 -16.25 6.12 20.40
N ASP B 159 -17.50 6.35 20.82
CA ASP B 159 -17.76 7.16 22.00
C ASP B 159 -17.46 6.37 23.29
N ALA B 160 -17.53 7.06 24.44
CA ALA B 160 -17.14 6.43 25.71
C ALA B 160 -18.00 5.22 26.08
N LYS B 161 -19.27 5.21 25.70
CA LYS B 161 -20.16 4.13 26.06
C LYS B 161 -20.20 2.98 25.03
N GLN B 162 -19.50 3.13 23.92
CA GLN B 162 -19.47 2.16 22.84
C GLN B 162 -20.86 1.97 22.25
N LYS B 163 -21.61 3.07 22.21
CA LYS B 163 -22.95 3.11 21.62
C LYS B 163 -23.00 3.81 20.25
N TRP B 164 -21.95 4.56 19.95
CA TRP B 164 -21.78 5.26 18.69
C TRP B 164 -20.43 4.89 18.09
N LEU B 165 -20.46 4.40 16.85
CA LEU B 165 -19.30 3.87 16.13
C LEU B 165 -19.11 4.65 14.82
N LEU B 166 -17.86 4.97 14.49
CA LEU B 166 -17.54 5.81 13.35
C LEU B 166 -16.38 5.31 12.47
N LEU B 167 -16.69 4.89 11.24
CA LEU B 167 -15.67 4.46 10.27
C LEU B 167 -15.36 5.62 9.29
N THR B 168 -14.07 5.93 9.15
CA THR B 168 -13.61 6.99 8.28
C THR B 168 -12.70 6.44 7.19
N GLY B 169 -13.01 6.78 5.94
CA GLY B 169 -12.14 6.47 4.78
C GLY B 169 -12.00 7.65 3.83
N ILE B 170 -10.93 7.64 3.03
CA ILE B 170 -10.69 8.67 2.01
C ILE B 170 -10.42 8.11 0.58
N SER B 171 -10.82 8.91 -0.43
CA SER B 171 -10.70 8.57 -1.88
C SER B 171 -10.61 9.79 -2.80
N ALA B 172 -10.60 9.55 -4.10
CA ALA B 172 -10.53 10.66 -5.08
C ALA B 172 -11.81 10.74 -5.91
N GLN B 173 -12.28 11.96 -6.16
CA GLN B 173 -13.52 12.22 -6.92
C GLN B 173 -13.65 13.72 -7.22
N GLN B 174 -13.58 14.08 -8.50
CA GLN B 174 -13.61 15.48 -8.95
C GLN B 174 -12.34 16.21 -8.49
N ASN B 175 -11.21 15.62 -8.88
CA ASN B 175 -9.87 15.90 -8.33
C ASN B 175 -9.73 16.66 -7.03
N ARG B 176 -10.24 16.00 -5.99
CA ARG B 176 -10.04 16.39 -4.63
C ARG B 176 -10.04 15.12 -3.79
N VAL B 177 -9.31 15.13 -2.69
CA VAL B 177 -9.43 14.05 -1.70
C VAL B 177 -10.78 14.17 -1.02
N VAL B 178 -11.66 13.19 -1.25
CA VAL B 178 -12.99 13.21 -0.65
C VAL B 178 -12.99 12.29 0.56
N GLY B 179 -13.70 12.72 1.61
CA GLY B 179 -13.75 12.04 2.89
C GLY B 179 -15.14 11.51 3.13
N ALA B 180 -15.20 10.24 3.53
CA ALA B 180 -16.48 9.56 3.71
C ALA B 180 -16.46 8.82 5.03
N MET B 181 -17.48 9.11 5.82
CA MET B 181 -17.62 8.55 7.15
C MET B 181 -18.95 7.86 7.28
N GLN B 182 -18.98 6.80 8.10
CA GLN B 182 -20.22 6.12 8.43
C GLN B 182 -20.39 6.10 9.96
N LEU B 183 -21.43 6.80 10.42
CA LEU B 183 -21.79 6.90 11.83
C LEU B 183 -22.93 5.93 12.12
N TYR B 184 -22.66 4.93 12.96
CA TYR B 184 -23.59 3.89 13.30
C TYR B 184 -24.09 3.97 14.78
N SER B 185 -25.40 3.85 14.93
CA SER B 185 -26.08 3.80 16.23
C SER B 185 -26.34 2.32 16.62
N VAL B 186 -25.69 1.89 17.70
CA VAL B 186 -25.83 0.55 18.24
C VAL B 186 -27.30 0.21 18.70
N ASP B 187 -27.97 1.17 19.36
CA ASP B 187 -29.33 0.97 19.91
C ASP B 187 -30.43 1.11 18.86
N ARG B 188 -30.18 1.92 17.85
CA ARG B 188 -31.18 2.16 16.82
C ARG B 188 -30.91 1.30 15.59
N LYS B 189 -29.72 0.72 15.51
CA LYS B 189 -29.30 -0.08 14.38
C LYS B 189 -29.50 0.66 13.06
N VAL B 190 -28.95 1.88 12.99
CA VAL B 190 -29.10 2.78 11.86
C VAL B 190 -27.73 3.37 11.56
N SER B 191 -27.36 3.44 10.26
CA SER B 191 -26.13 4.13 9.81
C SER B 191 -26.46 5.44 9.14
N GLN B 192 -25.61 6.45 9.33
CA GLN B 192 -25.74 7.73 8.65
C GLN B 192 -24.43 8.09 7.95
N PRO B 193 -24.46 8.18 6.61
CA PRO B 193 -23.28 8.55 5.83
C PRO B 193 -23.05 10.07 5.91
N ILE B 194 -21.80 10.49 6.03
CA ILE B 194 -21.45 11.89 6.32
C ILE B 194 -20.20 12.22 5.56
N GLU B 195 -20.19 13.35 4.86
CA GLU B 195 -18.97 13.76 4.16
C GLU B 195 -18.07 14.38 5.24
N GLY B 196 -16.91 13.75 5.46
CA GLY B 196 -16.03 14.16 6.54
C GLY B 196 -14.66 13.55 6.41
N HIS B 197 -13.66 14.25 6.97
CA HIS B 197 -12.24 13.93 6.85
C HIS B 197 -11.63 13.43 8.17
N ALA B 198 -11.89 14.14 9.28
CA ALA B 198 -11.38 13.74 10.64
C ALA B 198 -12.41 14.02 11.72
N ALA B 199 -12.43 13.15 12.73
CA ALA B 199 -13.47 13.18 13.73
C ALA B 199 -13.08 12.55 15.06
N SER B 200 -13.86 12.91 16.07
CA SER B 200 -13.74 12.36 17.42
C SER B 200 -15.06 12.55 18.18
N PHE B 201 -15.28 11.67 19.16
CA PHE B 201 -16.35 11.86 20.15
C PHE B 201 -15.76 12.59 21.38
N ALA B 202 -16.63 13.18 22.20
CA ALA B 202 -16.23 13.73 23.52
C ALA B 202 -17.45 13.79 24.48
N GLN B 203 -17.17 13.69 25.78
CA GLN B 203 -18.14 13.92 26.84
C GLN B 203 -18.02 15.38 27.30
N PHE B 204 -19.14 16.09 27.38
CA PHE B 204 -19.12 17.50 27.77
C PHE B 204 -20.23 17.85 28.79
N LYS B 205 -19.83 18.48 29.90
CA LYS B 205 -20.74 18.89 31.00
C LYS B 205 -21.36 20.30 30.84
N MET B 206 -22.61 20.36 30.41
CA MET B 206 -23.35 21.64 30.43
C MET B 206 -23.77 21.96 31.86
N GLU B 207 -23.45 23.16 32.33
CA GLU B 207 -23.74 23.57 33.71
C GLU B 207 -25.25 23.52 33.99
N GLY B 208 -25.61 22.92 35.12
CA GLY B 208 -27.03 22.77 35.50
C GLY B 208 -27.79 21.62 34.84
N ASN B 209 -27.07 20.73 34.15
CA ASN B 209 -27.63 19.51 33.57
C ASN B 209 -27.32 18.33 34.48
N ALA B 210 -28.23 17.38 34.54
CA ALA B 210 -28.07 16.17 35.32
C ALA B 210 -26.81 15.42 34.90
N GLU B 211 -26.74 15.12 33.59
CA GLU B 211 -25.66 14.28 33.02
C GLU B 211 -24.82 14.99 31.96
N GLU B 212 -23.64 14.41 31.68
CA GLU B 212 -22.78 14.83 30.57
C GLU B 212 -23.50 14.61 29.24
N SER B 213 -23.23 15.47 28.28
CA SER B 213 -23.65 15.26 26.87
C SER B 213 -22.61 14.48 26.05
N THR B 214 -23.08 13.73 25.06
CA THR B 214 -22.16 13.00 24.16
C THR B 214 -22.04 13.82 22.89
N LEU B 215 -20.85 14.37 22.66
CA LEU B 215 -20.62 15.23 21.48
C LEU B 215 -19.85 14.49 20.36
N PHE B 216 -20.23 14.81 19.10
CA PHE B 216 -19.54 14.36 17.90
C PHE B 216 -18.97 15.59 17.17
N CYS B 217 -17.68 15.55 16.88
CA CYS B 217 -17.01 16.67 16.25
C CYS B 217 -16.35 16.14 15.00
N PHE B 218 -16.67 16.72 13.85
CA PHE B 218 -15.94 16.36 12.61
C PHE B 218 -15.48 17.60 11.87
N ALA B 219 -14.31 17.48 11.27
CA ALA B 219 -13.78 18.46 10.36
C ALA B 219 -13.81 17.94 8.91
N VAL B 220 -14.21 18.83 7.99
CA VAL B 220 -14.27 18.55 6.56
C VAL B 220 -13.83 19.77 5.71
N ARG B 221 -13.06 19.51 4.64
CA ARG B 221 -12.85 20.50 3.56
C ARG B 221 -13.80 20.16 2.39
N GLY B 222 -15.03 20.70 2.44
CA GLY B 222 -16.06 20.43 1.43
C GLY B 222 -16.06 21.47 0.32
N GLN B 223 -17.15 21.56 -0.43
CA GLN B 223 -17.22 22.55 -1.52
C GLN B 223 -17.45 23.93 -0.93
N ALA B 224 -18.20 24.00 0.16
CA ALA B 224 -18.25 25.19 1.03
C ALA B 224 -16.95 25.51 1.80
N GLY B 225 -15.81 24.99 1.34
CA GLY B 225 -14.51 25.16 2.03
C GLY B 225 -14.45 24.44 3.37
N GLY B 226 -13.41 24.72 4.15
CA GLY B 226 -13.18 24.13 5.47
C GLY B 226 -14.24 24.44 6.53
N LYS B 227 -14.75 23.39 7.19
CA LYS B 227 -15.74 23.49 8.28
C LYS B 227 -15.50 22.46 9.42
N LEU B 228 -15.85 22.89 10.63
CA LEU B 228 -15.85 22.03 11.78
C LEU B 228 -17.25 22.09 12.35
N HIS B 229 -17.81 20.93 12.66
CA HIS B 229 -19.12 20.80 13.27
C HIS B 229 -19.01 20.14 14.62
N ILE B 230 -19.80 20.62 15.59
CA ILE B 230 -19.88 20.06 16.95
C ILE B 230 -21.34 19.85 17.29
N ILE B 231 -21.78 18.59 17.40
CA ILE B 231 -23.24 18.25 17.52
C ILE B 231 -23.44 17.23 18.62
N GLU B 232 -24.55 17.29 19.33
CA GLU B 232 -24.90 16.21 20.26
C GLU B 232 -25.47 15.04 19.44
N VAL B 233 -25.04 13.83 19.71
CA VAL B 233 -25.60 12.67 19.00
C VAL B 233 -26.72 12.04 19.83
N GLY B 234 -27.79 11.68 19.15
CA GLY B 234 -28.94 11.01 19.78
C GLY B 234 -29.84 11.95 20.58
N THR B 235 -30.61 11.34 21.48
CA THR B 235 -31.60 12.02 22.34
C THR B 235 -30.92 12.45 23.63
N PRO B 236 -31.03 13.71 24.05
CA PRO B 236 -30.40 14.13 25.30
C PRO B 236 -30.91 13.26 26.43
N PRO B 237 -30.10 13.03 27.44
CA PRO B 237 -30.58 12.37 28.65
C PRO B 237 -31.77 13.10 29.29
N THR B 238 -32.69 12.37 29.93
CA THR B 238 -33.74 12.99 30.76
C THR B 238 -33.12 13.75 31.95
N GLY B 239 -33.49 15.01 32.13
CA GLY B 239 -32.80 15.88 33.09
C GLY B 239 -31.69 16.71 32.42
N ASN B 240 -31.64 16.64 31.08
CA ASN B 240 -30.78 17.48 30.28
C ASN B 240 -31.53 18.33 29.30
N GLN B 241 -31.03 19.55 29.12
CA GLN B 241 -31.30 20.35 27.92
C GLN B 241 -30.29 19.97 26.81
N PRO B 242 -30.68 20.17 25.56
CA PRO B 242 -29.81 19.84 24.44
C PRO B 242 -28.62 20.82 24.23
N PHE B 243 -27.47 20.27 23.86
CA PHE B 243 -26.32 21.06 23.46
C PHE B 243 -26.64 21.68 22.09
N PRO B 244 -26.52 23.00 21.98
CA PRO B 244 -26.71 23.67 20.72
C PRO B 244 -25.60 23.35 19.70
N LYS B 245 -26.00 22.85 18.52
CA LYS B 245 -25.13 22.67 17.33
C LYS B 245 -24.16 23.84 17.16
N LYS B 246 -22.88 23.56 16.88
CA LYS B 246 -21.97 24.61 16.44
C LYS B 246 -21.41 24.22 15.06
N ALA B 247 -21.21 25.23 14.22
CA ALA B 247 -20.64 25.07 12.88
C ALA B 247 -19.74 26.26 12.65
N VAL B 248 -18.43 26.04 12.49
CA VAL B 248 -17.46 27.12 12.29
C VAL B 248 -16.52 26.86 11.12
N ASP B 249 -15.88 27.93 10.64
CA ASP B 249 -14.96 27.88 9.50
C ASP B 249 -13.60 27.31 9.93
N VAL B 250 -12.99 26.51 9.06
CA VAL B 250 -11.62 26.05 9.25
C VAL B 250 -10.82 26.71 8.12
N PHE B 251 -9.76 27.43 8.48
CA PHE B 251 -8.97 28.21 7.54
C PHE B 251 -7.84 27.37 6.90
N PHE B 252 -7.74 27.42 5.58
CA PHE B 252 -6.59 26.87 4.85
C PHE B 252 -5.96 28.02 4.07
N PRO B 253 -4.68 28.31 4.28
CA PRO B 253 -4.02 29.40 3.55
C PRO B 253 -4.00 29.15 2.04
N PRO B 254 -3.85 30.23 1.26
CA PRO B 254 -3.82 30.14 -0.22
C PRO B 254 -2.73 29.21 -0.71
N GLU B 255 -1.62 29.15 0.03
CA GLU B 255 -0.50 28.26 -0.29
C GLU B 255 -0.66 26.77 0.11
N ALA B 256 -1.82 26.40 0.66
CA ALA B 256 -2.12 25.00 1.03
C ALA B 256 -3.38 24.56 0.29
N GLN B 257 -3.29 24.59 -1.04
CA GLN B 257 -4.42 24.31 -1.95
C GLN B 257 -4.93 22.87 -1.90
N ASN B 258 -4.05 21.93 -1.56
CA ASN B 258 -4.42 20.53 -1.50
C ASN B 258 -4.49 19.94 -0.07
N ASP B 259 -4.53 20.80 0.95
CA ASP B 259 -4.54 20.35 2.34
C ASP B 259 -5.93 19.89 2.75
N PHE B 260 -5.99 19.00 3.74
CA PHE B 260 -7.25 18.56 4.34
C PHE B 260 -6.98 17.99 5.75
N PRO B 261 -8.02 17.93 6.58
CA PRO B 261 -7.87 17.36 7.93
C PRO B 261 -7.58 15.87 7.88
N VAL B 262 -6.61 15.41 8.65
CA VAL B 262 -6.32 13.98 8.74
C VAL B 262 -6.48 13.37 10.16
N ALA B 263 -6.28 14.17 11.23
CA ALA B 263 -6.39 13.66 12.62
C ALA B 263 -7.08 14.62 13.63
N MET B 264 -7.72 14.04 14.65
CA MET B 264 -8.35 14.81 15.73
C MET B 264 -8.16 14.12 17.08
N GLN B 265 -7.79 14.86 18.11
CA GLN B 265 -7.90 14.36 19.48
C GLN B 265 -8.56 15.47 20.29
N ILE B 266 -9.31 15.09 21.32
CA ILE B 266 -10.01 16.06 22.15
C ILE B 266 -9.60 15.97 23.62
N SER B 267 -9.18 17.09 24.21
CA SER B 267 -8.87 17.11 25.66
C SER B 267 -10.14 17.12 26.52
N GLU B 268 -10.34 16.09 27.33
CA GLU B 268 -11.49 16.06 28.26
C GLU B 268 -11.28 17.00 29.45
N LYS B 269 -10.02 17.08 29.85
CA LYS B 269 -9.52 17.98 30.87
C LYS B 269 -9.73 19.46 30.53
N HIS B 270 -9.37 19.89 29.32
CA HIS B 270 -9.49 21.31 28.95
C HIS B 270 -10.67 21.59 28.02
N ASP B 271 -11.38 20.55 27.58
CA ASP B 271 -12.48 20.71 26.59
C ASP B 271 -11.99 21.52 25.38
N VAL B 272 -10.91 20.99 24.81
CA VAL B 272 -10.22 21.57 23.68
C VAL B 272 -10.04 20.50 22.57
N VAL B 273 -10.27 20.92 21.33
CA VAL B 273 -10.16 20.09 20.12
C VAL B 273 -8.82 20.39 19.42
N PHE B 274 -7.96 19.37 19.31
CA PHE B 274 -6.73 19.42 18.48
C PHE B 274 -6.99 18.85 17.08
N LEU B 275 -6.78 19.64 16.04
CA LEU B 275 -6.95 19.20 14.63
C LEU B 275 -5.61 19.23 13.86
N ILE B 276 -5.20 18.09 13.31
CA ILE B 276 -3.99 18.05 12.45
C ILE B 276 -4.38 17.92 10.99
N THR B 277 -3.72 18.66 10.11
CA THR B 277 -3.97 18.56 8.64
C THR B 277 -2.89 17.75 7.93
N LYS B 278 -3.22 17.30 6.71
CA LYS B 278 -2.31 16.52 5.86
C LYS B 278 -0.92 17.13 5.73
N TYR B 279 -0.86 18.45 5.51
CA TYR B 279 0.42 19.19 5.40
C TYR B 279 1.22 19.39 6.68
N GLY B 280 0.63 19.09 7.85
CA GLY B 280 1.35 19.29 9.13
C GLY B 280 0.96 20.52 9.95
N TYR B 281 -0.19 21.13 9.66
CA TYR B 281 -0.75 22.18 10.53
C TYR B 281 -1.50 21.62 11.78
N ILE B 282 -1.47 22.39 12.86
CA ILE B 282 -2.32 22.14 14.03
C ILE B 282 -3.24 23.30 14.30
N HIS B 283 -4.51 23.02 14.62
CA HIS B 283 -5.48 24.01 15.05
C HIS B 283 -5.99 23.64 16.48
N LEU B 284 -6.33 24.67 17.27
CA LEU B 284 -7.00 24.51 18.55
C LEU B 284 -8.33 25.22 18.51
N TYR B 285 -9.39 24.54 18.98
CA TYR B 285 -10.74 25.08 19.07
C TYR B 285 -11.30 24.75 20.44
N ASP B 286 -12.03 25.71 20.98
CA ASP B 286 -12.84 25.49 22.19
C ASP B 286 -14.05 24.61 21.81
N LEU B 287 -14.24 23.54 22.57
CA LEU B 287 -15.28 22.55 22.28
C LEU B 287 -16.72 23.03 22.48
N GLU B 288 -16.93 23.94 23.45
CA GLU B 288 -18.26 24.45 23.75
C GLU B 288 -18.79 25.43 22.71
N THR B 289 -17.95 26.37 22.26
CA THR B 289 -18.36 27.40 21.29
C THR B 289 -17.89 27.16 19.84
N GLY B 290 -16.85 26.36 19.66
CA GLY B 290 -16.23 26.27 18.35
C GLY B 290 -15.25 27.39 18.01
N THR B 291 -14.93 28.28 18.97
CA THR B 291 -13.94 29.36 18.71
C THR B 291 -12.53 28.82 18.45
N CYS B 292 -11.90 29.35 17.39
CA CYS B 292 -10.52 29.02 17.05
C CYS B 292 -9.59 29.82 17.95
N ILE B 293 -8.71 29.13 18.65
CA ILE B 293 -7.82 29.71 19.62
C ILE B 293 -6.41 29.90 19.06
N TYR B 294 -5.99 29.01 18.15
CA TYR B 294 -4.60 28.95 17.65
C TYR B 294 -4.46 28.07 16.39
N MET B 295 -3.63 28.52 15.46
CA MET B 295 -3.25 27.71 14.32
C MET B 295 -1.82 28.01 13.86
N ASN B 296 -1.07 26.96 13.57
CA ASN B 296 0.30 27.08 13.05
C ASN B 296 0.75 25.74 12.42
N ARG B 297 1.84 25.78 11.67
CA ARG B 297 2.40 24.59 11.05
C ARG B 297 3.50 24.07 11.94
N ILE B 298 3.41 22.78 12.33
CA ILE B 298 4.41 22.16 13.21
C ILE B 298 5.29 21.08 12.54
N SER B 299 4.95 20.62 11.33
CA SER B 299 5.70 19.54 10.69
C SER B 299 5.78 19.81 9.19
N GLY B 300 6.98 19.61 8.62
CA GLY B 300 7.19 19.69 7.19
C GLY B 300 6.60 18.53 6.38
N GLU B 301 6.30 17.43 7.06
CA GLU B 301 5.78 16.20 6.44
C GLU B 301 4.47 15.75 7.10
N THR B 302 3.75 14.85 6.41
CA THR B 302 2.50 14.28 6.95
C THR B 302 2.72 13.52 8.27
N ILE B 303 1.92 13.87 9.25
CA ILE B 303 1.80 13.17 10.55
C ILE B 303 0.72 12.17 10.32
N PHE B 304 1.12 10.90 10.27
CA PHE B 304 0.29 9.86 9.69
C PHE B 304 -0.32 8.96 10.78
N VAL B 305 0.15 9.07 12.02
CA VAL B 305 -0.45 8.42 13.15
C VAL B 305 -0.40 9.37 14.40
N THR B 306 -1.51 9.40 15.18
CA THR B 306 -1.63 10.12 16.45
C THR B 306 -2.36 9.33 17.54
N ALA B 307 -2.15 9.77 18.78
CA ALA B 307 -2.70 9.18 20.00
C ALA B 307 -2.90 10.31 21.02
N PRO B 308 -3.81 10.13 21.98
CA PRO B 308 -3.84 11.03 23.14
C PRO B 308 -2.52 10.95 23.94
N HIS B 309 -2.05 12.11 24.39
CA HIS B 309 -0.92 12.19 25.29
C HIS B 309 -1.52 12.32 26.71
N GLU B 310 -1.55 11.19 27.42
CA GLU B 310 -2.45 11.00 28.56
C GLU B 310 -2.11 11.76 29.85
N ALA B 311 -0.85 11.90 30.16
CA ALA B 311 -0.42 12.60 31.38
C ALA B 311 -0.72 14.10 31.27
N THR B 312 -0.94 14.62 30.05
CA THR B 312 -1.18 16.08 29.82
C THR B 312 -2.49 16.42 29.11
N ALA B 313 -3.24 15.40 28.72
CA ALA B 313 -4.46 15.57 27.93
C ALA B 313 -4.22 16.32 26.62
N GLY B 314 -3.06 16.03 26.01
CA GLY B 314 -2.69 16.59 24.69
C GLY B 314 -2.69 15.55 23.57
N ILE B 315 -1.93 15.84 22.52
CA ILE B 315 -1.84 14.97 21.33
C ILE B 315 -0.37 14.65 21.04
N ILE B 316 -0.10 13.39 20.72
CA ILE B 316 1.23 12.95 20.23
C ILE B 316 1.09 12.24 18.88
N GLY B 317 2.13 12.34 18.05
CA GLY B 317 2.13 11.89 16.64
C GLY B 317 3.50 11.50 16.04
N VAL B 318 3.46 10.79 14.90
CA VAL B 318 4.67 10.45 14.11
C VAL B 318 4.51 10.97 12.69
N ASN B 319 5.55 11.64 12.17
CA ASN B 319 5.58 12.02 10.74
C ASN B 319 6.46 11.12 9.82
N ARG B 320 6.17 11.24 8.53
CA ARG B 320 6.83 10.55 7.42
C ARG B 320 8.36 10.66 7.44
N LYS B 321 8.90 11.63 8.18
CA LYS B 321 10.36 11.82 8.35
C LYS B 321 10.96 11.21 9.65
N GLY B 322 10.15 10.53 10.47
CA GLY B 322 10.67 9.88 11.69
C GLY B 322 10.67 10.67 12.99
N GLN B 323 10.13 11.89 12.99
CA GLN B 323 10.00 12.69 14.24
C GLN B 323 8.74 12.29 15.06
N VAL B 324 8.93 12.10 16.37
CA VAL B 324 7.86 11.93 17.31
C VAL B 324 7.56 13.31 17.97
N LEU B 325 6.44 13.92 17.57
CA LEU B 325 6.02 15.25 18.01
C LEU B 325 4.81 15.21 18.94
N SER B 326 4.74 16.21 19.81
CA SER B 326 3.59 16.39 20.69
C SER B 326 3.29 17.86 20.88
N VAL B 327 2.04 18.09 21.25
CA VAL B 327 1.48 19.41 21.48
C VAL B 327 0.51 19.28 22.65
N CYS B 328 0.65 20.14 23.66
CA CYS B 328 -0.39 20.20 24.67
C CYS B 328 -0.72 21.61 25.06
N VAL B 329 -1.76 21.76 25.87
CA VAL B 329 -2.18 23.06 26.35
C VAL B 329 -1.13 23.57 27.33
N GLU B 330 -0.65 24.79 27.09
CA GLU B 330 0.18 25.48 28.07
C GLU B 330 -0.78 26.12 29.13
N GLU B 331 -0.88 25.50 30.30
CA GLU B 331 -1.90 25.80 31.35
C GLU B 331 -1.78 27.20 32.01
N GLU B 332 -0.56 27.67 32.22
CA GLU B 332 -0.32 29.03 32.72
C GLU B 332 -0.43 30.14 31.67
N ASN B 333 -0.32 29.82 30.39
CA ASN B 333 -0.41 30.82 29.33
C ASN B 333 -1.77 30.93 28.65
N ILE B 334 -2.59 29.89 28.71
CA ILE B 334 -3.74 29.84 27.81
C ILE B 334 -4.78 30.99 28.09
N ILE B 335 -5.08 31.24 29.36
CA ILE B 335 -6.06 32.26 29.73
C ILE B 335 -5.59 33.69 29.42
N PRO B 336 -4.43 34.13 29.91
CA PRO B 336 -3.87 35.42 29.48
C PRO B 336 -3.75 35.57 27.97
N TYR B 337 -3.41 34.49 27.27
CA TYR B 337 -3.31 34.50 25.82
C TYR B 337 -4.62 34.84 25.11
N ILE B 338 -5.71 34.21 25.53
CA ILE B 338 -7.03 34.48 24.93
C ILE B 338 -7.55 35.87 25.33
N THR B 339 -7.34 36.24 26.60
CA THR B 339 -7.76 37.54 27.11
C THR B 339 -7.09 38.72 26.38
N ASN B 340 -5.75 38.69 26.22
CA ASN B 340 -4.93 39.85 25.79
C ASN B 340 -4.25 39.83 24.43
N VAL B 341 -3.99 38.64 23.89
CA VAL B 341 -3.47 38.52 22.53
C VAL B 341 -4.62 38.35 21.52
N LEU B 342 -5.65 37.57 21.88
CA LEU B 342 -6.81 37.36 21.01
C LEU B 342 -7.87 38.38 21.30
N GLN B 343 -7.80 38.99 22.48
CA GLN B 343 -8.71 40.03 22.92
C GLN B 343 -10.13 39.51 23.08
N ASN B 344 -10.27 38.28 23.53
CA ASN B 344 -11.57 37.66 23.72
C ASN B 344 -11.75 37.33 25.20
N PRO B 345 -11.92 38.35 26.05
CA PRO B 345 -12.07 38.12 27.49
C PRO B 345 -13.32 37.31 27.89
N ASP B 346 -14.39 37.43 27.09
CA ASP B 346 -15.60 36.62 27.30
C ASP B 346 -15.29 35.12 27.26
N LEU B 347 -14.57 34.67 26.23
CA LEU B 347 -14.18 33.26 26.15
C LEU B 347 -13.27 32.87 27.32
N ALA B 348 -12.29 33.71 27.64
CA ALA B 348 -11.34 33.36 28.70
C ALA B 348 -12.06 33.20 30.04
N LEU B 349 -13.01 34.09 30.32
CA LEU B 349 -13.80 34.02 31.58
C LEU B 349 -14.62 32.73 31.52
N ARG B 350 -15.22 32.46 30.37
CA ARG B 350 -15.98 31.22 30.20
C ARG B 350 -15.14 29.97 30.52
N MET B 351 -13.93 29.91 29.96
CA MET B 351 -13.05 28.79 30.20
C MET B 351 -12.56 28.72 31.64
N ALA B 352 -12.25 29.88 32.25
CA ALA B 352 -11.81 29.92 33.65
C ALA B 352 -12.94 29.49 34.59
N VAL B 353 -14.15 30.00 34.33
CA VAL B 353 -15.35 29.64 35.12
C VAL B 353 -15.62 28.13 35.15
N ARG B 354 -15.49 27.46 34.00
CA ARG B 354 -15.63 26.01 33.96
C ARG B 354 -14.48 25.31 34.70
N ASN B 355 -13.56 26.09 35.28
CA ASN B 355 -12.39 25.60 36.04
C ASN B 355 -11.42 24.79 35.15
N THR C 1 -3.16 -3.46 2.32
CA THR C 1 -2.45 -2.44 3.15
C THR C 1 -0.94 -2.57 3.10
N LEU C 2 -0.38 -3.68 3.61
CA LEU C 2 1.04 -3.95 3.39
C LEU C 2 1.28 -4.34 1.92
N PRO C 3 2.04 -3.58 1.16
CA PRO C 3 2.32 -4.01 -0.22
C PRO C 3 3.21 -5.26 -0.30
N TRP C 4 2.95 -6.08 -1.33
CA TRP C 4 3.48 -7.44 -1.42
C TRP C 4 5.00 -7.51 -1.42
N ASP C 5 5.66 -6.49 -1.96
CA ASP C 5 7.12 -6.52 -1.97
C ASP C 5 7.71 -6.51 -0.54
N LEU C 6 6.92 -6.07 0.44
CA LEU C 6 7.37 -6.05 1.84
C LEU C 6 6.98 -7.33 2.64
N TRP C 7 6.20 -8.25 2.07
CA TRP C 7 5.73 -9.45 2.82
C TRP C 7 6.82 -10.28 3.43
N THR D 1 -3.64 2.09 -3.76
CA THR D 1 -2.43 1.26 -4.08
C THR D 1 -1.14 2.02 -3.80
N LEU D 2 -1.14 3.34 -4.03
CA LEU D 2 -0.25 4.24 -3.24
C LEU D 2 -1.00 4.52 -1.92
N PRO D 3 -0.35 4.31 -0.78
CA PRO D 3 -1.01 4.55 0.52
C PRO D 3 -1.22 6.04 0.77
N TRP D 4 -2.35 6.34 1.42
CA TRP D 4 -2.84 7.71 1.55
C TRP D 4 -1.81 8.70 2.11
N ASP D 5 -0.92 8.26 2.99
CA ASP D 5 0.04 9.18 3.58
C ASP D 5 1.08 9.70 2.60
N LEU D 6 1.26 8.99 1.49
CA LEU D 6 2.14 9.46 0.41
C LEU D 6 1.38 10.32 -0.62
N TRP D 7 0.04 10.39 -0.55
CA TRP D 7 -0.74 11.12 -1.56
C TRP D 7 -0.29 12.57 -1.73
#